data_5TQA
#
_entry.id   5TQA
#
_cell.length_a   67.066
_cell.length_b   73.718
_cell.length_c   112.714
_cell.angle_alpha   90.000
_cell.angle_beta   107.180
_cell.angle_gamma   90.000
#
_symmetry.space_group_name_H-M   'P 1 21 1'
#
loop_
_entity.id
_entity.type
_entity.pdbx_description
1 polymer 'DH270.6 Fab heavy chain'
2 polymer 'DH270.6 Fab light chain'
3 water water
#
loop_
_entity_poly.entity_id
_entity_poly.type
_entity_poly.pdbx_seq_one_letter_code
_entity_poly.pdbx_strand_id
1 'polypeptide(L)'
;QVQLVQSGAQMKNPGASVKVSCAPSGYTFTDFYIHWLRQAPGQGLQWMGWMNPQTGRTNTARNFQGRVTMTRDTSIGTAY
MELRSLTSDDTAIYYCTTGGWISLYYDSSYYPNFDHWGQGTLLTVSGASTKGPSVFPLAPSSKSTSGGTAALGCLVKDYF
PEPVTVSWNSGALTSGVHTFPAVLQSSGLYSLSSVVTVPSSSLGTQTYICNVNHKPSNTKVDKRVEPKSCDKHHHHHH
;
H,A
2 'polypeptide(L)'
;QSALTQPASVSGSPGQSITISCTGTKYDVGSHDLVSWYQQYPGKVPKYMIYEVNKRPSGVSNRFSGSKSGNTASLTISGL
RAEDEADYYCCSFGGSATVVCGGGTKVTVLGQPKGAPSVTLFPPSSEELQANKATLVCLISDFYPGAVTVAWKADSSPVK
AGVETTTPSKQSNNKYAASSYLSLTPEQWKSHRSYSCQVTHEGSTVEKTVAPTECS
;
L,B
#
# COMPACT_ATOMS: atom_id res chain seq x y z
N GLN A 1 -8.61 6.43 10.95
CA GLN A 1 -8.22 5.03 10.74
C GLN A 1 -9.42 4.10 10.80
N VAL A 2 -10.27 4.18 9.77
CA VAL A 2 -11.39 3.26 9.58
C VAL A 2 -11.45 2.92 8.10
N GLN A 3 -11.52 1.63 7.77
CA GLN A 3 -11.43 1.19 6.39
C GLN A 3 -12.38 0.03 6.12
N LEU A 4 -13.27 0.22 5.16
CA LEU A 4 -14.25 -0.79 4.81
C LEU A 4 -13.84 -1.47 3.51
N VAL A 5 -13.57 -2.76 3.59
CA VAL A 5 -13.07 -3.50 2.43
C VAL A 5 -14.13 -4.40 1.81
N GLN A 6 -14.54 -4.09 0.59
CA GLN A 6 -15.56 -4.87 -0.09
C GLN A 6 -14.96 -5.96 -0.95
N SER A 7 -15.78 -6.93 -1.36
CA SER A 7 -15.32 -8.03 -2.20
C SER A 7 -14.94 -7.53 -3.58
N GLY A 8 -14.36 -8.42 -4.38
CA GLY A 8 -13.89 -8.02 -5.70
C GLY A 8 -15.01 -7.98 -6.72
N ALA A 9 -14.68 -7.51 -7.92
CA ALA A 9 -15.66 -7.34 -8.98
C ALA A 9 -16.25 -8.69 -9.38
N GLN A 10 -17.49 -8.67 -9.87
CA GLN A 10 -18.15 -9.91 -10.25
C GLN A 10 -18.94 -9.78 -11.55
N MET A 11 -18.97 -10.87 -12.30
CA MET A 11 -19.82 -11.01 -13.47
C MET A 11 -20.86 -12.08 -13.20
N LYS A 12 -22.12 -11.78 -13.50
CA LYS A 12 -23.20 -12.73 -13.29
C LYS A 12 -24.16 -12.78 -14.47
N ASN A 13 -24.68 -13.97 -14.75
CA ASN A 13 -25.69 -14.12 -15.78
C ASN A 13 -27.04 -13.66 -15.25
N PRO A 14 -27.93 -13.19 -16.15
CA PRO A 14 -29.26 -12.73 -15.76
C PRO A 14 -30.07 -13.81 -15.07
N GLY A 15 -30.58 -13.51 -13.87
CA GLY A 15 -31.38 -14.47 -13.12
C GLY A 15 -30.61 -15.15 -12.00
N ALA A 16 -29.30 -14.95 -11.97
CA ALA A 16 -28.48 -15.51 -10.90
C ALA A 16 -28.53 -14.64 -9.65
N SER A 17 -27.73 -14.99 -8.65
CA SER A 17 -27.67 -14.24 -7.41
C SER A 17 -26.22 -13.83 -7.16
N VAL A 18 -26.03 -12.78 -6.37
CA VAL A 18 -24.68 -12.31 -6.08
C VAL A 18 -24.55 -11.97 -4.60
N LYS A 19 -23.40 -12.27 -4.02
CA LYS A 19 -23.15 -11.95 -2.62
C LYS A 19 -21.86 -11.15 -2.46
N VAL A 20 -22.01 -9.93 -1.95
CA VAL A 20 -20.89 -9.03 -1.75
C VAL A 20 -20.57 -8.94 -0.27
N SER A 21 -19.29 -9.01 0.07
CA SER A 21 -18.87 -8.88 1.45
C SER A 21 -18.32 -7.49 1.72
N CYS A 22 -18.37 -7.08 2.99
CA CYS A 22 -17.71 -5.86 3.43
C CYS A 22 -17.17 -6.05 4.83
N ALA A 23 -15.86 -5.90 4.96
CA ALA A 23 -15.21 -6.03 6.26
C ALA A 23 -14.68 -4.68 6.69
N PRO A 24 -15.37 -4.05 7.65
CA PRO A 24 -14.91 -2.79 8.24
C PRO A 24 -13.84 -3.01 9.30
N SER A 25 -12.89 -2.09 9.39
CA SER A 25 -11.86 -2.18 10.40
C SER A 25 -11.50 -0.80 10.94
N GLY A 26 -10.89 -0.78 12.12
CA GLY A 26 -10.48 0.47 12.74
C GLY A 26 -11.49 0.94 13.77
N TYR A 27 -12.55 0.14 13.95
CA TYR A 27 -13.59 0.43 14.93
C TYR A 27 -14.33 -0.85 15.33
N THR A 28 -15.24 -0.74 16.29
CA THR A 28 -15.99 -1.89 16.77
C THR A 28 -17.22 -2.18 15.90
N PHE A 29 -17.17 -3.33 15.24
CA PHE A 29 -18.17 -3.74 14.23
C PHE A 29 -19.62 -3.59 14.69
N THR A 30 -19.87 -3.83 15.97
CA THR A 30 -21.23 -3.87 16.49
C THR A 30 -21.69 -2.54 17.08
N ASP A 31 -20.91 -1.48 16.89
CA ASP A 31 -21.27 -0.17 17.41
C ASP A 31 -22.02 0.68 16.38
N PHE A 32 -21.84 0.39 15.10
CA PHE A 32 -22.49 1.18 14.07
C PHE A 32 -23.24 0.38 13.02
N TYR A 33 -24.33 0.99 12.54
CA TYR A 33 -25.17 0.40 11.50
C TYR A 33 -24.41 0.25 10.18
N ILE A 34 -24.76 -0.77 9.41
CA ILE A 34 -24.20 -0.89 8.07
C ILE A 34 -25.29 -0.57 7.04
N HIS A 35 -24.97 0.30 6.10
CA HIS A 35 -25.91 0.63 5.03
C HIS A 35 -25.41 0.10 3.68
N TRP A 36 -26.34 -0.18 2.78
CA TRP A 36 -26.00 -0.66 1.46
C TRP A 36 -26.67 0.23 0.40
N LEU A 37 -25.85 0.71 -0.53
CA LEU A 37 -26.28 1.58 -1.63
C LEU A 37 -25.67 1.13 -2.95
N ARG A 38 -26.14 1.70 -4.06
CA ARG A 38 -25.56 1.38 -5.37
C ARG A 38 -25.62 2.54 -6.36
N GLN A 39 -24.74 2.49 -7.36
CA GLN A 39 -24.68 3.49 -8.42
C GLN A 39 -24.75 2.83 -9.79
N ALA A 40 -25.91 2.94 -10.43
CA ALA A 40 -26.06 2.49 -11.80
C ALA A 40 -25.53 3.56 -12.74
N PRO A 41 -24.70 3.15 -13.72
CA PRO A 41 -24.05 4.07 -14.67
C PRO A 41 -25.02 5.07 -15.30
N GLY A 42 -24.67 6.35 -15.27
CA GLY A 42 -25.52 7.41 -15.77
C GLY A 42 -26.39 8.00 -14.68
N GLN A 43 -26.72 7.17 -13.68
CA GLN A 43 -27.59 7.61 -12.60
C GLN A 43 -26.80 8.01 -11.36
N GLY A 44 -27.47 7.98 -10.22
CA GLY A 44 -26.89 8.43 -8.98
C GLY A 44 -27.10 7.43 -7.85
N LEU A 45 -26.87 7.87 -6.62
CA LEU A 45 -26.98 6.99 -5.47
C LEU A 45 -28.39 6.43 -5.30
N GLN A 46 -28.44 5.16 -4.91
CA GLN A 46 -29.68 4.47 -4.62
C GLN A 46 -29.52 3.67 -3.33
N TRP A 47 -30.21 4.08 -2.29
CA TRP A 47 -30.14 3.40 -1.01
C TRP A 47 -30.86 2.05 -1.08
N MET A 48 -30.17 1.01 -0.64
CA MET A 48 -30.73 -0.34 -0.72
C MET A 48 -31.23 -0.81 0.63
N GLY A 49 -30.39 -0.70 1.66
CA GLY A 49 -30.83 -1.20 2.96
C GLY A 49 -29.95 -0.89 4.15
N TRP A 50 -30.40 -1.27 5.35
CA TRP A 50 -29.55 -1.18 6.53
C TRP A 50 -29.60 -2.46 7.37
N MET A 51 -28.57 -2.64 8.18
CA MET A 51 -28.38 -3.81 9.01
C MET A 51 -27.76 -3.43 10.35
N ASN A 52 -28.31 -4.02 11.41
CA ASN A 52 -27.78 -3.90 12.77
C ASN A 52 -26.81 -5.03 13.06
N PRO A 53 -25.50 -4.72 13.13
CA PRO A 53 -24.47 -5.75 13.36
C PRO A 53 -24.60 -6.44 14.72
N GLN A 54 -25.17 -5.75 15.70
CA GLN A 54 -25.30 -6.31 17.04
C GLN A 54 -26.40 -7.38 17.08
N THR A 55 -27.59 -7.01 16.60
CA THR A 55 -28.75 -7.90 16.65
C THR A 55 -28.96 -8.70 15.36
N GLY A 56 -28.52 -8.15 14.24
CA GLY A 56 -28.68 -8.82 12.96
C GLY A 56 -29.91 -8.37 12.20
N ARG A 57 -30.76 -7.57 12.83
CA ARG A 57 -32.00 -7.11 12.23
C ARG A 57 -31.71 -6.19 11.03
N THR A 58 -32.48 -6.35 9.96
CA THR A 58 -32.28 -5.60 8.74
C THR A 58 -33.57 -4.98 8.21
N ASN A 59 -33.45 -3.84 7.54
CA ASN A 59 -34.57 -3.30 6.78
C ASN A 59 -34.14 -2.90 5.38
N THR A 60 -34.97 -3.23 4.40
CA THR A 60 -34.69 -2.95 2.99
C THR A 60 -35.58 -1.86 2.43
N ALA A 61 -35.22 -1.35 1.25
CA ALA A 61 -36.08 -0.40 0.55
C ALA A 61 -37.23 -1.17 -0.09
N ARG A 62 -38.24 -0.44 -0.55
CA ARG A 62 -39.45 -1.04 -1.11
C ARG A 62 -39.23 -1.79 -2.42
N ASN A 63 -38.40 -1.23 -3.30
CA ASN A 63 -38.15 -1.83 -4.61
C ASN A 63 -37.27 -3.09 -4.54
N PHE A 64 -36.69 -3.35 -3.37
CA PHE A 64 -35.76 -4.46 -3.21
C PHE A 64 -36.20 -5.48 -2.16
N GLN A 65 -37.42 -5.35 -1.66
CA GLN A 65 -37.85 -6.02 -0.44
C GLN A 65 -37.81 -7.55 -0.48
N GLY A 66 -37.96 -8.13 -1.66
CA GLY A 66 -37.90 -9.58 -1.78
C GLY A 66 -36.54 -10.09 -2.21
N ARG A 67 -35.76 -9.21 -2.84
CA ARG A 67 -34.54 -9.63 -3.54
C ARG A 67 -33.26 -9.54 -2.71
N VAL A 68 -33.29 -8.76 -1.64
CA VAL A 68 -32.07 -8.48 -0.87
C VAL A 68 -32.05 -9.23 0.46
N THR A 69 -30.87 -9.70 0.85
CA THR A 69 -30.67 -10.31 2.16
C THR A 69 -29.35 -9.85 2.76
N MET A 70 -29.42 -9.12 3.86
CA MET A 70 -28.21 -8.63 4.52
C MET A 70 -27.94 -9.47 5.77
N THR A 71 -26.73 -9.98 5.87
CA THR A 71 -26.36 -10.81 7.00
C THR A 71 -25.02 -10.36 7.57
N ARG A 72 -24.58 -10.99 8.65
CA ARG A 72 -23.27 -10.66 9.20
C ARG A 72 -22.61 -11.87 9.86
N ASP A 73 -21.28 -11.81 9.91
CA ASP A 73 -20.48 -12.79 10.62
C ASP A 73 -19.71 -12.00 11.67
N THR A 74 -20.23 -12.05 12.89
CA THR A 74 -19.71 -11.27 14.00
C THR A 74 -18.34 -11.76 14.44
N SER A 75 -18.05 -13.03 14.14
CA SER A 75 -16.80 -13.65 14.56
C SER A 75 -15.61 -13.10 13.77
N ILE A 76 -15.87 -12.66 12.54
CA ILE A 76 -14.82 -12.09 11.70
C ILE A 76 -15.15 -10.63 11.41
N GLY A 77 -16.34 -10.21 11.78
CA GLY A 77 -16.77 -8.83 11.62
C GLY A 77 -16.97 -8.48 10.16
N THR A 78 -17.83 -9.24 9.48
CA THR A 78 -18.06 -8.99 8.06
C THR A 78 -19.52 -9.00 7.68
N ALA A 79 -19.98 -7.94 7.02
CA ALA A 79 -21.36 -7.85 6.57
C ALA A 79 -21.48 -8.42 5.16
N TYR A 80 -22.66 -8.91 4.81
CA TYR A 80 -22.88 -9.49 3.49
C TYR A 80 -24.20 -9.02 2.91
N MET A 81 -24.19 -8.75 1.61
CA MET A 81 -25.40 -8.39 0.89
C MET A 81 -25.63 -9.39 -0.23
N GLU A 82 -26.81 -9.99 -0.26
CA GLU A 82 -27.16 -10.93 -1.31
C GLU A 82 -28.32 -10.40 -2.12
N LEU A 83 -28.11 -10.27 -3.43
CA LEU A 83 -29.15 -9.77 -4.32
C LEU A 83 -29.49 -10.86 -5.32
N ARG A 84 -30.77 -11.09 -5.54
CA ARG A 84 -31.24 -12.20 -6.35
C ARG A 84 -31.99 -11.74 -7.59
N SER A 85 -32.26 -12.69 -8.49
CA SER A 85 -32.98 -12.41 -9.74
C SER A 85 -32.36 -11.24 -10.50
N LEU A 86 -31.09 -11.38 -10.86
CA LEU A 86 -30.33 -10.29 -11.46
C LEU A 86 -30.76 -9.97 -12.89
N THR A 87 -30.75 -8.68 -13.22
CA THR A 87 -31.00 -8.21 -14.57
C THR A 87 -30.00 -7.12 -14.93
N SER A 88 -30.20 -6.48 -16.08
CA SER A 88 -29.33 -5.41 -16.52
C SER A 88 -29.52 -4.17 -15.64
N ASP A 89 -30.61 -4.16 -14.87
CA ASP A 89 -30.92 -3.04 -14.00
C ASP A 89 -30.09 -3.12 -12.72
N ASP A 90 -29.51 -4.29 -12.48
CA ASP A 90 -28.68 -4.50 -11.30
C ASP A 90 -27.20 -4.25 -11.61
N THR A 91 -26.90 -4.02 -12.88
CA THR A 91 -25.54 -3.64 -13.27
C THR A 91 -25.23 -2.29 -12.66
N ALA A 92 -24.33 -2.28 -11.67
CA ALA A 92 -24.03 -1.07 -10.92
C ALA A 92 -22.81 -1.27 -10.02
N ILE A 93 -22.32 -0.18 -9.44
CA ILE A 93 -21.30 -0.27 -8.40
C ILE A 93 -21.97 -0.34 -7.04
N TYR A 94 -21.58 -1.30 -6.21
CA TYR A 94 -22.26 -1.50 -4.95
C TYR A 94 -21.38 -1.08 -3.78
N TYR A 95 -21.94 -0.23 -2.94
CA TYR A 95 -21.27 0.33 -1.76
C TYR A 95 -21.88 -0.15 -0.44
N CYS A 96 -21.03 -0.40 0.54
CA CYS A 96 -21.47 -0.54 1.92
C CYS A 96 -20.84 0.58 2.74
N THR A 97 -21.63 1.15 3.64
CA THR A 97 -21.18 2.27 4.47
C THR A 97 -21.48 2.05 5.94
N THR A 98 -20.96 2.95 6.78
CA THR A 98 -21.28 2.96 8.20
C THR A 98 -22.46 3.90 8.44
N GLY A 99 -23.36 3.50 9.34
CA GLY A 99 -24.50 4.34 9.66
C GLY A 99 -24.30 5.08 10.96
N GLY A 100 -25.36 5.16 11.76
CA GLY A 100 -25.31 5.85 13.03
C GLY A 100 -24.70 5.00 14.13
N TRP A 101 -24.62 5.55 15.34
CA TRP A 101 -24.12 4.83 16.49
C TRP A 101 -25.27 3.99 17.03
N ILE A 102 -24.99 2.75 17.42
CA ILE A 102 -26.04 1.87 17.93
C ILE A 102 -26.29 2.10 19.42
N SER A 103 -27.53 2.44 19.75
CA SER A 103 -27.93 2.71 21.12
C SER A 103 -29.19 1.94 21.52
N LEU A 104 -29.28 1.55 22.79
CA LEU A 104 -30.47 0.86 23.30
C LEU A 104 -31.65 1.82 23.28
N TYR A 105 -31.37 3.09 23.55
CA TYR A 105 -32.38 4.14 23.43
C TYR A 105 -32.28 4.83 22.08
N TYR A 106 -33.44 5.09 21.47
CA TYR A 106 -33.56 5.80 20.19
C TYR A 106 -33.00 5.01 19.00
N ASP A 107 -33.76 5.04 17.90
CA ASP A 107 -33.38 4.34 16.68
C ASP A 107 -32.65 5.29 15.74
N SER A 108 -31.46 4.89 15.31
CA SER A 108 -30.66 5.73 14.41
C SER A 108 -30.38 4.98 13.11
N SER A 109 -31.14 3.90 12.89
CA SER A 109 -30.96 3.07 11.72
C SER A 109 -31.21 3.84 10.42
N TYR A 110 -32.09 4.83 10.49
CA TYR A 110 -32.54 5.54 9.29
C TYR A 110 -31.88 6.91 9.16
N TYR A 111 -30.85 7.15 9.96
CA TYR A 111 -30.05 8.36 9.82
C TYR A 111 -29.09 8.22 8.65
N PRO A 112 -29.26 9.06 7.61
CA PRO A 112 -28.38 9.00 6.44
C PRO A 112 -26.99 9.54 6.74
N ASN A 113 -26.37 8.98 7.78
CA ASN A 113 -25.08 9.46 8.26
C ASN A 113 -23.98 8.47 7.92
N PHE A 114 -23.53 8.51 6.67
CA PHE A 114 -22.53 7.58 6.15
C PHE A 114 -21.14 8.19 6.18
N ASP A 115 -20.39 7.92 7.25
CA ASP A 115 -19.06 8.50 7.43
C ASP A 115 -18.01 7.76 6.61
N HIS A 116 -18.13 6.44 6.57
CA HIS A 116 -17.12 5.62 5.92
C HIS A 116 -17.70 4.74 4.82
N TRP A 117 -17.01 4.70 3.69
CA TRP A 117 -17.49 3.99 2.52
C TRP A 117 -16.54 2.87 2.11
N GLY A 118 -17.08 1.86 1.45
CA GLY A 118 -16.25 0.82 0.88
C GLY A 118 -15.69 1.34 -0.43
N GLN A 119 -14.74 0.60 -1.01
CA GLN A 119 -14.08 1.06 -2.22
C GLN A 119 -15.00 0.89 -3.44
N GLY A 120 -15.99 0.02 -3.29
CA GLY A 120 -16.95 -0.24 -4.36
C GLY A 120 -16.84 -1.65 -4.90
N THR A 121 -17.93 -2.17 -5.43
CA THR A 121 -17.88 -3.46 -6.11
C THR A 121 -18.65 -3.40 -7.42
N LEU A 122 -17.96 -3.55 -8.55
CA LEU A 122 -18.63 -3.44 -9.84
C LEU A 122 -19.29 -4.74 -10.27
N LEU A 123 -20.60 -4.68 -10.44
CA LEU A 123 -21.35 -5.81 -10.95
C LEU A 123 -21.75 -5.57 -12.40
N THR A 124 -21.49 -6.56 -13.25
CA THR A 124 -22.00 -6.52 -14.61
C THR A 124 -22.87 -7.76 -14.78
N VAL A 125 -24.14 -7.55 -15.07
CA VAL A 125 -25.06 -8.66 -15.29
C VAL A 125 -25.35 -8.74 -16.78
N SER A 126 -24.92 -9.83 -17.40
CA SER A 126 -24.96 -9.95 -18.85
C SER A 126 -24.90 -11.40 -19.29
N GLY A 127 -25.47 -11.68 -20.46
CA GLY A 127 -25.46 -13.03 -21.00
C GLY A 127 -24.20 -13.27 -21.80
N ALA A 128 -23.42 -12.21 -22.01
CA ALA A 128 -22.19 -12.29 -22.76
C ALA A 128 -21.18 -13.16 -22.01
N SER A 129 -20.12 -13.56 -22.68
CA SER A 129 -19.10 -14.38 -22.03
C SER A 129 -17.96 -13.54 -21.47
N THR A 130 -17.41 -13.95 -20.32
CA THR A 130 -16.33 -13.21 -19.68
C THR A 130 -15.07 -13.32 -20.54
N LYS A 131 -14.53 -12.16 -20.93
CA LYS A 131 -13.36 -12.10 -21.79
C LYS A 131 -12.12 -11.65 -21.03
N GLY A 132 -11.06 -12.45 -21.09
CA GLY A 132 -9.81 -12.06 -20.43
C GLY A 132 -9.01 -11.19 -21.38
N PRO A 133 -8.09 -10.40 -20.83
CA PRO A 133 -7.32 -9.40 -21.58
C PRO A 133 -6.05 -9.94 -22.23
N SER A 134 -5.66 -9.32 -23.35
CA SER A 134 -4.32 -9.51 -23.90
C SER A 134 -3.50 -8.28 -23.50
N VAL A 135 -2.26 -8.48 -23.08
CA VAL A 135 -1.46 -7.36 -22.60
C VAL A 135 -0.23 -7.14 -23.46
N PHE A 136 -0.02 -5.91 -23.91
CA PHE A 136 1.15 -5.63 -24.72
C PHE A 136 1.92 -4.42 -24.19
N PRO A 137 3.27 -4.46 -24.27
CA PRO A 137 4.07 -3.35 -23.75
C PRO A 137 4.21 -2.19 -24.72
N LEU A 138 4.04 -0.98 -24.21
CA LEU A 138 4.21 0.22 -25.01
C LEU A 138 5.59 0.80 -24.73
N ALA A 139 6.54 0.53 -25.63
CA ALA A 139 7.93 0.88 -25.43
C ALA A 139 8.12 2.38 -25.20
N PRO A 140 9.11 2.73 -24.36
CA PRO A 140 9.40 4.12 -23.99
C PRO A 140 9.54 5.06 -25.19
N SER A 141 8.87 6.21 -25.12
CA SER A 141 9.00 7.24 -26.14
C SER A 141 9.28 8.57 -25.47
N SER A 142 10.39 9.20 -25.86
CA SER A 142 10.80 10.45 -25.26
C SER A 142 10.22 11.62 -26.05
N LYS A 143 9.75 11.32 -27.26
CA LYS A 143 9.31 12.32 -28.22
C LYS A 143 8.44 13.44 -27.61
N SER A 144 7.43 13.08 -26.84
CA SER A 144 6.45 14.08 -26.39
C SER A 144 6.41 14.34 -24.89
N THR A 145 7.44 13.94 -24.15
CA THR A 145 7.43 14.18 -22.71
C THR A 145 8.36 15.31 -22.25
N SER A 146 8.29 15.61 -20.95
CA SER A 146 8.98 16.75 -20.35
C SER A 146 10.43 16.52 -19.95
N GLY A 147 11.35 17.08 -20.73
CA GLY A 147 12.77 16.97 -20.47
C GLY A 147 13.29 15.54 -20.40
N GLY A 148 14.48 15.38 -19.82
CA GLY A 148 15.10 14.09 -19.69
C GLY A 148 14.16 13.02 -19.14
N THR A 149 12.99 12.92 -19.75
CA THR A 149 12.00 11.93 -19.32
C THR A 149 11.36 11.24 -20.52
N ALA A 150 11.02 9.96 -20.35
CA ALA A 150 10.39 9.19 -21.41
C ALA A 150 9.05 8.67 -20.95
N ALA A 151 8.26 8.14 -21.88
CA ALA A 151 6.94 7.62 -21.56
C ALA A 151 6.75 6.20 -22.09
N LEU A 152 6.41 5.28 -21.20
CA LEU A 152 6.19 3.89 -21.57
C LEU A 152 4.84 3.45 -21.00
N GLY A 153 4.38 2.25 -21.33
CA GLY A 153 3.10 1.84 -20.83
C GLY A 153 2.63 0.42 -21.11
N CYS A 154 1.33 0.21 -20.93
CA CYS A 154 0.71 -1.07 -21.19
C CYS A 154 -0.59 -0.88 -21.94
N LEU A 155 -0.85 -1.79 -22.86
CA LEU A 155 -2.08 -1.83 -23.61
C LEU A 155 -2.83 -3.07 -23.19
N VAL A 156 -3.98 -2.88 -22.55
CA VAL A 156 -4.82 -3.98 -22.09
C VAL A 156 -6.01 -4.11 -23.03
N LYS A 157 -5.94 -5.13 -23.88
CA LYS A 157 -6.77 -5.24 -25.06
C LYS A 157 -7.84 -6.32 -24.93
N ASP A 158 -9.06 -5.97 -25.33
CA ASP A 158 -10.14 -6.93 -25.57
C ASP A 158 -10.50 -7.82 -24.38
N TYR A 159 -11.10 -7.21 -23.35
CA TYR A 159 -11.58 -7.96 -22.21
C TYR A 159 -13.04 -7.63 -21.92
N PHE A 160 -13.67 -8.40 -21.05
CA PHE A 160 -15.04 -8.16 -20.63
C PHE A 160 -15.36 -9.03 -19.43
N PRO A 161 -16.08 -8.47 -18.45
CA PRO A 161 -16.50 -7.06 -18.41
C PRO A 161 -15.50 -6.17 -17.69
N GLU A 162 -15.90 -4.93 -17.44
CA GLU A 162 -15.17 -4.04 -16.56
C GLU A 162 -15.18 -4.67 -15.16
N PRO A 163 -14.14 -4.39 -14.34
CA PRO A 163 -12.95 -3.59 -14.60
C PRO A 163 -11.65 -4.36 -14.58
N VAL A 164 -10.58 -3.70 -15.02
CA VAL A 164 -9.24 -4.17 -14.76
C VAL A 164 -8.54 -3.10 -13.93
N THR A 165 -7.58 -3.51 -13.11
CA THR A 165 -6.75 -2.56 -12.40
C THR A 165 -5.30 -2.73 -12.85
N VAL A 166 -4.57 -1.63 -12.93
CA VAL A 166 -3.17 -1.68 -13.32
C VAL A 166 -2.33 -1.07 -12.23
N SER A 167 -1.26 -1.76 -11.83
CA SER A 167 -0.26 -1.17 -10.96
C SER A 167 1.10 -1.29 -11.63
N TRP A 168 2.15 -0.78 -10.98
CA TRP A 168 3.48 -0.85 -11.56
C TRP A 168 4.51 -1.28 -10.52
N ASN A 169 5.33 -2.25 -10.89
CA ASN A 169 6.33 -2.81 -9.99
C ASN A 169 5.70 -3.23 -8.67
N SER A 170 4.57 -3.92 -8.76
CA SER A 170 3.87 -4.46 -7.59
C SER A 170 3.47 -3.36 -6.61
N GLY A 171 3.14 -2.19 -7.15
CA GLY A 171 2.69 -1.07 -6.35
C GLY A 171 3.80 -0.13 -5.90
N ALA A 172 5.05 -0.52 -6.17
CA ALA A 172 6.19 0.29 -5.77
C ALA A 172 6.26 1.57 -6.59
N LEU A 173 5.78 1.50 -7.82
CA LEU A 173 5.78 2.66 -8.72
C LEU A 173 4.40 3.28 -8.83
N THR A 174 4.24 4.48 -8.26
CA THR A 174 2.96 5.18 -8.29
C THR A 174 3.09 6.55 -8.94
N SER A 175 4.32 7.08 -8.94
CA SER A 175 4.58 8.42 -9.45
C SER A 175 4.58 8.50 -10.98
N GLY A 176 3.75 9.39 -11.51
CA GLY A 176 3.71 9.64 -12.95
C GLY A 176 2.86 8.63 -13.69
N VAL A 177 1.96 7.97 -12.97
CA VAL A 177 1.10 6.96 -13.58
C VAL A 177 -0.25 7.55 -13.97
N HIS A 178 -0.64 7.34 -15.23
CA HIS A 178 -1.96 7.72 -15.71
C HIS A 178 -2.61 6.53 -16.39
N THR A 179 -3.58 5.93 -15.72
CA THR A 179 -4.33 4.82 -16.30
C THR A 179 -5.61 5.38 -16.92
N PHE A 180 -5.71 5.27 -18.24
CA PHE A 180 -6.80 5.88 -18.98
C PHE A 180 -8.10 5.10 -18.87
N PRO A 181 -9.24 5.80 -18.97
CA PRO A 181 -10.55 5.14 -19.06
C PRO A 181 -10.63 4.25 -20.28
N ALA A 182 -11.31 3.12 -20.16
CA ALA A 182 -11.34 2.14 -21.23
C ALA A 182 -12.34 2.54 -22.31
N VAL A 183 -12.07 2.12 -23.55
CA VAL A 183 -13.02 2.33 -24.63
C VAL A 183 -13.88 1.08 -24.80
N LEU A 184 -15.18 1.27 -25.01
CA LEU A 184 -16.06 0.16 -25.38
C LEU A 184 -16.07 0.06 -26.88
N GLN A 185 -15.44 -0.98 -27.41
CA GLN A 185 -15.29 -1.15 -28.84
C GLN A 185 -16.58 -1.68 -29.44
N SER A 186 -16.69 -1.64 -30.77
CA SER A 186 -17.87 -2.14 -31.46
C SER A 186 -17.94 -3.65 -31.37
N SER A 187 -16.83 -4.27 -30.97
CA SER A 187 -16.77 -5.70 -30.73
C SER A 187 -17.52 -6.06 -29.45
N GLY A 188 -17.71 -5.07 -28.58
CA GLY A 188 -18.41 -5.27 -27.33
C GLY A 188 -17.43 -5.42 -26.18
N LEU A 189 -16.14 -5.36 -26.52
CA LEU A 189 -15.07 -5.58 -25.56
C LEU A 189 -14.37 -4.28 -25.19
N TYR A 190 -13.73 -4.26 -24.03
CA TYR A 190 -13.09 -3.05 -23.54
C TYR A 190 -11.59 -3.09 -23.79
N SER A 191 -11.00 -1.90 -23.90
CA SER A 191 -9.56 -1.78 -24.01
C SER A 191 -9.14 -0.51 -23.28
N LEU A 192 -8.03 -0.59 -22.54
CA LEU A 192 -7.47 0.60 -21.93
C LEU A 192 -5.95 0.63 -22.03
N SER A 193 -5.38 1.77 -21.65
CA SER A 193 -3.94 1.93 -21.60
C SER A 193 -3.53 2.47 -20.25
N SER A 194 -2.31 2.13 -19.83
CA SER A 194 -1.73 2.73 -18.64
C SER A 194 -0.37 3.29 -19.03
N VAL A 195 -0.12 4.57 -18.72
CA VAL A 195 1.13 5.17 -19.18
C VAL A 195 1.89 5.76 -18.00
N VAL A 196 3.20 5.53 -17.98
CA VAL A 196 4.07 6.08 -16.95
C VAL A 196 5.16 6.95 -17.58
N THR A 197 5.36 8.13 -17.02
CA THR A 197 6.47 9.00 -17.37
C THR A 197 7.63 8.74 -16.41
N VAL A 198 8.75 8.26 -16.98
CA VAL A 198 9.91 7.85 -16.18
C VAL A 198 11.14 8.61 -16.65
N PRO A 199 12.21 8.64 -15.83
CA PRO A 199 13.42 9.31 -16.32
C PRO A 199 14.09 8.55 -17.45
N SER A 200 14.65 9.27 -18.41
CA SER A 200 15.30 8.66 -19.55
C SER A 200 16.63 8.02 -19.18
N SER A 201 17.36 8.68 -18.28
CA SER A 201 18.68 8.22 -17.87
C SER A 201 18.67 6.89 -17.12
N SER A 202 17.55 6.59 -16.48
CA SER A 202 17.45 5.41 -15.64
C SER A 202 17.04 4.16 -16.43
N LEU A 203 16.73 4.32 -17.71
CA LEU A 203 16.41 3.18 -18.54
C LEU A 203 17.62 2.25 -18.61
N GLY A 204 17.38 0.96 -18.81
CA GLY A 204 18.46 0.00 -18.81
C GLY A 204 18.81 -0.47 -17.40
N THR A 205 18.69 0.44 -16.43
CA THR A 205 18.96 0.10 -15.03
C THR A 205 17.69 -0.03 -14.19
N GLN A 206 16.64 0.73 -14.52
CA GLN A 206 15.38 0.61 -13.82
C GLN A 206 14.45 -0.39 -14.51
N THR A 207 13.63 -1.09 -13.73
CA THR A 207 12.74 -2.12 -14.27
C THR A 207 11.29 -1.67 -14.25
N TYR A 208 10.58 -1.84 -15.37
CA TYR A 208 9.20 -1.41 -15.43
C TYR A 208 8.27 -2.56 -15.81
N ILE A 209 7.46 -2.97 -14.84
CA ILE A 209 6.54 -4.08 -15.02
C ILE A 209 5.15 -3.63 -14.66
N CYS A 210 4.19 -3.84 -15.56
CA CYS A 210 2.82 -3.47 -15.24
C CYS A 210 2.06 -4.70 -14.76
N ASN A 211 1.35 -4.54 -13.65
CA ASN A 211 0.57 -5.60 -13.06
C ASN A 211 -0.90 -5.38 -13.38
N VAL A 212 -1.41 -6.18 -14.31
CA VAL A 212 -2.80 -6.08 -14.76
C VAL A 212 -3.65 -7.15 -14.07
N ASN A 213 -4.70 -6.70 -13.38
CA ASN A 213 -5.59 -7.60 -12.67
C ASN A 213 -7.01 -7.49 -13.20
N HIS A 214 -7.53 -8.61 -13.69
CA HIS A 214 -8.90 -8.67 -14.16
C HIS A 214 -9.63 -9.78 -13.39
N LYS A 215 -10.20 -9.40 -12.24
CA LYS A 215 -10.82 -10.37 -11.34
C LYS A 215 -12.04 -11.12 -11.88
N PRO A 216 -12.90 -10.45 -12.68
CA PRO A 216 -14.03 -11.20 -13.25
C PRO A 216 -13.62 -12.45 -14.01
N SER A 217 -12.46 -12.42 -14.67
CA SER A 217 -12.01 -13.56 -15.45
C SER A 217 -10.85 -14.27 -14.77
N ASN A 218 -10.50 -13.83 -13.56
CA ASN A 218 -9.44 -14.44 -12.78
C ASN A 218 -8.10 -14.46 -13.52
N THR A 219 -7.67 -13.31 -14.04
CA THR A 219 -6.41 -13.24 -14.75
C THR A 219 -5.49 -12.17 -14.15
N LYS A 220 -4.25 -12.57 -13.85
CA LYS A 220 -3.22 -11.61 -13.48
C LYS A 220 -2.11 -11.70 -14.52
N VAL A 221 -1.64 -10.54 -15.00
CA VAL A 221 -0.57 -10.50 -15.97
C VAL A 221 0.50 -9.52 -15.52
N ASP A 222 1.75 -9.96 -15.53
CA ASP A 222 2.85 -9.06 -15.18
C ASP A 222 3.74 -8.83 -16.39
N LYS A 223 3.52 -7.70 -17.05
CA LYS A 223 4.18 -7.43 -18.32
C LYS A 223 5.44 -6.58 -18.16
N ARG A 224 6.57 -7.11 -18.61
CA ARG A 224 7.80 -6.33 -18.57
C ARG A 224 7.89 -5.39 -19.77
N VAL A 225 8.21 -4.12 -19.49
CA VAL A 225 8.34 -3.13 -20.54
C VAL A 225 9.76 -2.60 -20.60
N GLU A 226 10.43 -2.84 -21.71
CA GLU A 226 11.81 -2.42 -21.92
C GLU A 226 11.96 -1.74 -23.27
N PRO A 227 12.99 -0.89 -23.44
CA PRO A 227 13.14 -0.15 -24.69
C PRO A 227 13.29 -1.06 -25.91
N LYS A 228 13.07 -0.49 -27.10
CA LYS A 228 13.16 -1.26 -28.33
C LYS A 228 14.54 -1.02 -28.99
N SER A 229 14.67 -1.41 -30.25
CA SER A 229 15.94 -1.38 -30.96
C SER A 229 15.70 -1.37 -32.46
N CYS A 230 16.69 -0.88 -33.20
CA CYS A 230 16.59 -0.83 -34.65
C CYS A 230 17.97 -0.55 -35.27
N ALA B 3 -37.51 9.36 -5.09
CA ALA B 3 -36.22 10.02 -5.29
C ALA B 3 -36.36 11.54 -5.17
N LEU B 4 -35.55 12.13 -4.30
CA LEU B 4 -35.50 13.59 -4.20
C LEU B 4 -35.04 14.21 -5.50
N THR B 5 -35.47 15.44 -5.75
CA THR B 5 -35.19 16.09 -7.02
C THR B 5 -34.07 17.13 -6.86
N GLN B 6 -32.99 16.93 -7.62
CA GLN B 6 -31.90 17.89 -7.69
C GLN B 6 -31.77 18.37 -9.13
N PRO B 7 -31.27 19.60 -9.32
CA PRO B 7 -30.97 20.04 -10.68
C PRO B 7 -29.82 19.24 -11.26
N ALA B 8 -29.76 19.12 -12.58
CA ALA B 8 -28.70 18.35 -13.22
C ALA B 8 -27.35 19.01 -13.01
N SER B 9 -27.24 20.27 -13.44
CA SER B 9 -25.98 20.99 -13.33
C SER B 9 -26.19 22.36 -12.71
N VAL B 10 -25.13 22.86 -12.07
CA VAL B 10 -25.16 24.22 -11.53
C VAL B 10 -23.80 24.86 -11.79
N SER B 11 -23.83 26.05 -12.40
CA SER B 11 -22.59 26.69 -12.82
C SER B 11 -22.32 27.92 -11.96
N GLY B 12 -21.04 28.19 -11.71
CA GLY B 12 -20.68 29.37 -10.95
C GLY B 12 -19.26 29.81 -11.19
N SER B 13 -19.01 31.11 -11.04
CA SER B 13 -17.68 31.68 -11.22
C SER B 13 -16.88 31.55 -9.92
N PRO B 14 -15.54 31.57 -10.02
CA PRO B 14 -14.73 31.46 -8.79
C PRO B 14 -15.05 32.55 -7.78
N GLY B 15 -14.99 32.23 -6.50
CA GLY B 15 -15.28 33.19 -5.45
C GLY B 15 -16.74 33.36 -5.14
N GLN B 16 -17.60 33.03 -6.10
CA GLN B 16 -19.06 33.16 -5.90
C GLN B 16 -19.60 32.15 -4.89
N SER B 17 -20.89 32.29 -4.59
CA SER B 17 -21.57 31.35 -3.72
C SER B 17 -22.72 30.70 -4.46
N ILE B 18 -22.75 29.37 -4.45
CA ILE B 18 -23.72 28.62 -5.23
C ILE B 18 -24.53 27.69 -4.34
N THR B 19 -25.73 27.36 -4.79
CA THR B 19 -26.66 26.56 -3.99
C THR B 19 -27.25 25.44 -4.84
N ILE B 20 -27.24 24.23 -4.29
CA ILE B 20 -27.82 23.08 -4.94
C ILE B 20 -29.05 22.65 -4.17
N SER B 21 -30.16 22.48 -4.89
CA SER B 21 -31.43 22.17 -4.26
C SER B 21 -31.64 20.66 -4.13
N CYS B 22 -32.54 20.30 -3.24
CA CYS B 22 -32.94 18.91 -3.04
C CYS B 22 -34.37 18.88 -2.53
N THR B 23 -35.32 18.62 -3.41
CA THR B 23 -36.73 18.72 -3.06
C THR B 23 -37.37 17.35 -2.95
N GLY B 24 -38.03 17.09 -1.83
CA GLY B 24 -38.78 15.86 -1.64
C GLY B 24 -40.23 16.15 -1.30
N THR B 25 -40.73 15.51 -0.24
CA THR B 25 -42.12 15.69 0.17
C THR B 25 -42.20 16.17 1.62
N LYS B 26 -43.39 16.14 2.19
CA LYS B 26 -43.56 16.57 3.58
C LYS B 26 -43.18 15.44 4.53
N TYR B 27 -43.31 14.20 4.04
CA TYR B 27 -43.14 13.03 4.88
C TYR B 27 -41.66 12.69 5.04
N ASP B 28 -40.81 13.30 4.20
CA ASP B 28 -39.37 13.06 4.27
C ASP B 28 -38.63 14.35 4.66
N VAL B 29 -38.23 15.12 3.64
CA VAL B 29 -37.45 16.33 3.89
C VAL B 29 -38.31 17.46 4.44
N GLY B 30 -39.63 17.28 4.43
CA GLY B 30 -40.53 18.32 4.87
C GLY B 30 -40.65 18.36 6.38
N SER B 31 -40.76 17.19 6.99
CA SER B 31 -41.04 17.09 8.42
C SER B 31 -39.87 16.54 9.24
N HIS B 32 -38.73 16.37 8.59
CA HIS B 32 -37.55 15.86 9.29
C HIS B 32 -36.29 16.61 8.92
N ASP B 33 -35.44 16.86 9.91
CA ASP B 33 -34.14 17.48 9.67
C ASP B 33 -33.08 16.39 9.57
N LEU B 34 -33.23 15.52 8.58
CA LEU B 34 -32.35 14.36 8.44
C LEU B 34 -31.82 14.24 7.03
N VAL B 35 -31.06 15.25 6.59
CA VAL B 35 -30.54 15.29 5.23
C VAL B 35 -29.03 15.46 5.26
N SER B 36 -28.34 14.59 4.53
CA SER B 36 -26.88 14.62 4.41
C SER B 36 -26.46 14.89 2.98
N TRP B 37 -25.30 15.49 2.81
CA TRP B 37 -24.74 15.74 1.48
C TRP B 37 -23.42 15.03 1.26
N TYR B 38 -23.21 14.54 0.04
CA TYR B 38 -21.99 13.82 -0.29
C TYR B 38 -21.35 14.37 -1.56
N GLN B 39 -20.03 14.30 -1.61
CA GLN B 39 -19.25 14.78 -2.74
C GLN B 39 -18.63 13.61 -3.48
N GLN B 40 -18.58 13.68 -4.81
CA GLN B 40 -17.96 12.59 -5.55
C GLN B 40 -17.14 13.09 -6.73
N TYR B 41 -15.83 12.92 -6.63
CA TYR B 41 -14.94 13.21 -7.73
C TYR B 41 -14.95 12.03 -8.70
N PRO B 42 -14.89 12.32 -10.01
CA PRO B 42 -15.06 11.29 -11.03
C PRO B 42 -14.12 10.11 -10.82
N GLY B 43 -14.68 8.91 -10.72
CA GLY B 43 -13.90 7.72 -10.53
C GLY B 43 -13.63 7.40 -9.07
N LYS B 44 -14.15 8.24 -8.17
CA LYS B 44 -13.85 8.08 -6.75
C LYS B 44 -15.07 7.73 -5.90
N VAL B 45 -14.82 7.46 -4.63
CA VAL B 45 -15.84 7.13 -3.65
C VAL B 45 -16.47 8.40 -3.04
N PRO B 46 -17.79 8.37 -2.76
CA PRO B 46 -18.45 9.52 -2.12
C PRO B 46 -17.87 9.89 -0.75
N LYS B 47 -17.94 11.18 -0.45
CA LYS B 47 -17.38 11.77 0.77
C LYS B 47 -18.43 12.52 1.58
N TYR B 48 -18.45 12.23 2.88
CA TYR B 48 -19.31 12.90 3.86
C TYR B 48 -19.06 14.42 3.92
N MET B 49 -20.03 15.22 3.49
CA MET B 49 -19.87 16.67 3.46
C MET B 49 -20.75 17.41 4.47
N ILE B 50 -22.04 17.09 4.48
CA ILE B 50 -22.99 17.70 5.40
C ILE B 50 -23.87 16.60 5.96
N TYR B 51 -24.33 16.76 7.20
CA TYR B 51 -25.33 15.86 7.76
C TYR B 51 -26.28 16.59 8.68
N GLU B 52 -27.49 16.03 8.83
CA GLU B 52 -28.54 16.64 9.63
C GLU B 52 -28.74 18.10 9.23
N VAL B 53 -28.74 18.33 7.92
CA VAL B 53 -29.04 19.62 7.29
C VAL B 53 -27.95 20.67 7.48
N ASN B 54 -27.43 20.82 8.70
CA ASN B 54 -26.54 21.93 9.01
C ASN B 54 -25.12 21.51 9.38
N LYS B 55 -24.96 20.30 9.91
CA LYS B 55 -23.73 19.92 10.59
C LYS B 55 -22.63 19.47 9.63
N ARG B 56 -21.39 19.87 9.94
CA ARG B 56 -20.22 19.46 9.17
C ARG B 56 -19.38 18.46 9.94
N PRO B 57 -19.01 17.35 9.28
CA PRO B 57 -18.03 16.41 9.85
C PRO B 57 -16.67 17.06 9.92
N SER B 58 -15.78 16.53 10.76
CA SER B 58 -14.44 17.09 10.90
C SER B 58 -13.68 16.93 9.58
N GLY B 59 -12.85 17.92 9.24
CA GLY B 59 -12.07 17.86 8.03
C GLY B 59 -12.72 18.53 6.84
N VAL B 60 -14.04 18.71 6.92
CA VAL B 60 -14.78 19.33 5.82
C VAL B 60 -14.64 20.85 5.90
N SER B 61 -14.37 21.46 4.76
CA SER B 61 -14.17 22.90 4.66
C SER B 61 -15.39 23.68 5.13
N ASN B 62 -15.14 24.81 5.79
CA ASN B 62 -16.21 25.65 6.31
C ASN B 62 -16.94 26.41 5.20
N ARG B 63 -16.48 26.22 3.97
CA ARG B 63 -17.11 26.87 2.81
C ARG B 63 -18.39 26.16 2.41
N PHE B 64 -18.62 24.98 3.00
CA PHE B 64 -19.83 24.23 2.73
C PHE B 64 -20.83 24.38 3.87
N SER B 65 -22.08 24.69 3.53
CA SER B 65 -23.11 24.94 4.54
C SER B 65 -24.48 24.47 4.06
N GLY B 66 -25.28 23.91 4.96
CA GLY B 66 -26.59 23.43 4.56
C GLY B 66 -27.77 24.22 5.10
N SER B 67 -28.90 24.15 4.40
CA SER B 67 -30.12 24.78 4.89
C SER B 67 -31.35 23.99 4.48
N LYS B 68 -32.51 24.42 4.97
CA LYS B 68 -33.76 23.69 4.75
C LYS B 68 -34.96 24.63 4.88
N SER B 69 -35.89 24.52 3.93
CA SER B 69 -37.13 25.28 3.98
C SER B 69 -38.26 24.48 3.37
N GLY B 70 -39.29 24.24 4.17
CA GLY B 70 -40.41 23.44 3.72
C GLY B 70 -39.95 22.05 3.34
N ASN B 71 -40.14 21.71 2.07
CA ASN B 71 -39.73 20.42 1.54
C ASN B 71 -38.46 20.50 0.69
N THR B 72 -37.57 21.45 0.99
CA THR B 72 -36.36 21.58 0.19
C THR B 72 -35.09 21.82 1.01
N ALA B 73 -34.09 20.98 0.79
CA ALA B 73 -32.77 21.16 1.37
C ALA B 73 -31.87 21.89 0.38
N SER B 74 -30.84 22.56 0.89
CA SER B 74 -29.90 23.27 0.04
C SER B 74 -28.47 23.12 0.51
N LEU B 75 -27.56 22.84 -0.42
CA LEU B 75 -26.14 22.83 -0.14
C LEU B 75 -25.50 24.08 -0.74
N THR B 76 -24.78 24.82 0.09
CA THR B 76 -24.22 26.10 -0.32
C THR B 76 -22.70 26.10 -0.22
N ILE B 77 -22.06 26.39 -1.35
CA ILE B 77 -20.61 26.51 -1.39
C ILE B 77 -20.24 27.99 -1.57
N SER B 78 -19.43 28.51 -0.65
CA SER B 78 -18.95 29.88 -0.75
C SER B 78 -17.46 29.86 -1.06
N GLY B 79 -16.98 30.92 -1.71
CA GLY B 79 -15.58 30.98 -2.10
C GLY B 79 -15.31 29.86 -3.10
N LEU B 80 -16.15 29.78 -4.12
CA LEU B 80 -16.13 28.69 -5.10
C LEU B 80 -14.76 28.49 -5.74
N ARG B 81 -14.31 27.24 -5.78
CA ARG B 81 -13.03 26.86 -6.37
C ARG B 81 -13.22 25.76 -7.41
N ALA B 82 -12.16 25.48 -8.18
CA ALA B 82 -12.19 24.39 -9.15
C ALA B 82 -12.26 23.05 -8.44
N GLU B 83 -11.72 23.01 -7.22
CA GLU B 83 -11.67 21.79 -6.43
C GLU B 83 -13.07 21.34 -6.02
N ASP B 84 -14.04 22.24 -6.20
CA ASP B 84 -15.42 21.96 -5.83
C ASP B 84 -16.20 21.42 -7.03
N GLU B 85 -15.54 21.35 -8.18
CA GLU B 85 -16.14 20.71 -9.36
C GLU B 85 -16.31 19.21 -9.10
N ALA B 86 -17.55 18.77 -8.96
CA ALA B 86 -17.85 17.36 -8.72
C ALA B 86 -19.33 17.06 -8.90
N ASP B 87 -19.72 15.84 -8.58
CA ASP B 87 -21.14 15.48 -8.45
C ASP B 87 -21.52 15.52 -6.97
N TYR B 88 -22.62 16.20 -6.67
CA TYR B 88 -23.06 16.33 -5.28
C TYR B 88 -24.42 15.67 -5.07
N TYR B 89 -24.54 14.87 -4.00
CA TYR B 89 -25.76 14.13 -3.73
C TYR B 89 -26.37 14.46 -2.38
N CYS B 90 -27.69 14.44 -2.29
CA CYS B 90 -28.36 14.60 -1.02
C CYS B 90 -29.12 13.33 -0.67
N CYS B 91 -29.15 12.99 0.61
CA CYS B 91 -29.82 11.79 1.08
C CYS B 91 -30.65 12.14 2.31
N SER B 92 -31.91 11.69 2.35
CA SER B 92 -32.77 12.02 3.48
C SER B 92 -33.54 10.82 4.00
N PHE B 93 -34.03 10.94 5.24
CA PHE B 93 -34.97 9.97 5.79
C PHE B 93 -36.20 9.91 4.89
N GLY B 94 -36.66 8.70 4.55
CA GLY B 94 -37.72 8.57 3.58
C GLY B 94 -39.00 7.92 4.08
N GLY B 95 -39.08 7.67 5.38
CA GLY B 95 -40.24 6.99 5.93
C GLY B 95 -40.04 5.50 6.10
N SER B 96 -40.65 4.95 7.15
CA SER B 96 -40.57 3.51 7.45
C SER B 96 -39.13 3.02 7.56
N ALA B 97 -38.31 3.79 8.27
CA ALA B 97 -36.91 3.45 8.50
C ALA B 97 -36.17 3.19 7.19
N THR B 98 -36.45 3.99 6.18
CA THR B 98 -35.72 3.91 4.92
C THR B 98 -34.94 5.19 4.67
N VAL B 99 -34.00 5.14 3.73
CA VAL B 99 -33.32 6.32 3.25
C VAL B 99 -33.64 6.50 1.76
N VAL B 100 -33.69 7.75 1.32
CA VAL B 100 -33.92 8.08 -0.08
C VAL B 100 -32.78 8.96 -0.55
N CYS B 101 -32.41 8.85 -1.82
CA CYS B 101 -31.30 9.63 -2.35
C CYS B 101 -31.74 10.47 -3.54
N GLY B 102 -30.98 11.54 -3.81
CA GLY B 102 -31.30 12.41 -4.92
C GLY B 102 -30.55 12.02 -6.18
N GLY B 103 -30.94 12.61 -7.32
CA GLY B 103 -30.38 12.23 -8.60
C GLY B 103 -28.97 12.75 -8.83
N GLY B 104 -28.53 13.65 -7.97
CA GLY B 104 -27.19 14.21 -8.06
C GLY B 104 -27.12 15.48 -8.88
N THR B 105 -26.05 16.25 -8.69
CA THR B 105 -25.86 17.50 -9.42
C THR B 105 -24.40 17.75 -9.76
N LYS B 106 -24.10 17.99 -11.03
CA LYS B 106 -22.75 18.32 -11.44
C LYS B 106 -22.48 19.82 -11.32
N VAL B 107 -21.45 20.16 -10.58
CA VAL B 107 -21.07 21.56 -10.39
C VAL B 107 -19.98 21.96 -11.37
N THR B 108 -20.25 22.99 -12.16
CA THR B 108 -19.28 23.50 -13.13
C THR B 108 -18.76 24.86 -12.67
N VAL B 109 -17.44 25.01 -12.66
CA VAL B 109 -16.83 26.28 -12.30
C VAL B 109 -16.34 27.04 -13.54
N LEU B 110 -17.09 28.09 -13.86
CA LEU B 110 -16.82 28.92 -15.03
C LEU B 110 -15.61 29.82 -14.82
N GLY B 111 -15.16 30.49 -15.87
CA GLY B 111 -14.02 31.38 -15.77
C GLY B 111 -12.75 30.57 -15.84
N GLN B 112 -12.92 29.26 -15.86
CA GLN B 112 -11.82 28.31 -15.92
C GLN B 112 -11.19 28.51 -17.29
N PRO B 113 -9.86 28.54 -17.35
CA PRO B 113 -9.20 28.95 -18.60
C PRO B 113 -9.19 27.89 -19.67
N LYS B 114 -8.01 27.56 -20.20
CA LYS B 114 -7.94 26.62 -21.31
C LYS B 114 -6.63 25.85 -21.29
N GLY B 115 -6.72 24.55 -21.52
CA GLY B 115 -5.54 23.72 -21.60
C GLY B 115 -5.42 23.06 -22.96
N ALA B 116 -4.20 23.06 -23.49
CA ALA B 116 -3.91 22.40 -24.75
C ALA B 116 -3.64 20.93 -24.51
N PRO B 117 -4.11 20.06 -25.41
CA PRO B 117 -3.94 18.62 -25.22
C PRO B 117 -2.50 18.15 -25.38
N SER B 118 -2.09 17.21 -24.54
CA SER B 118 -0.83 16.51 -24.70
C SER B 118 -1.12 15.18 -25.37
N VAL B 119 -0.41 14.89 -26.45
CA VAL B 119 -0.70 13.72 -27.25
C VAL B 119 0.50 12.79 -27.35
N THR B 120 0.29 11.52 -27.03
CA THR B 120 1.33 10.50 -27.13
C THR B 120 0.86 9.39 -28.05
N LEU B 121 1.67 9.05 -29.05
CA LEU B 121 1.29 8.02 -30.02
C LEU B 121 2.24 6.83 -29.98
N PHE B 122 1.72 5.68 -29.58
CA PHE B 122 2.49 4.44 -29.59
C PHE B 122 2.17 3.61 -30.83
N PRO B 123 3.21 3.05 -31.47
CA PRO B 123 3.08 2.10 -32.57
C PRO B 123 2.86 0.69 -32.03
N PRO B 124 2.39 -0.23 -32.88
CA PRO B 124 2.21 -1.62 -32.45
C PRO B 124 3.50 -2.25 -31.91
N SER B 125 3.36 -3.16 -30.96
CA SER B 125 4.52 -3.85 -30.43
C SER B 125 4.89 -5.03 -31.34
N SER B 126 6.17 -5.42 -31.31
CA SER B 126 6.60 -6.60 -32.07
C SER B 126 5.80 -7.81 -31.59
N GLU B 127 5.40 -7.76 -30.33
CA GLU B 127 4.67 -8.85 -29.69
C GLU B 127 3.24 -8.97 -30.22
N GLU B 128 2.57 -7.83 -30.38
CA GLU B 128 1.23 -7.85 -30.95
C GLU B 128 1.31 -8.20 -32.42
N LEU B 129 2.35 -7.69 -33.07
CA LEU B 129 2.57 -7.96 -34.49
C LEU B 129 2.75 -9.44 -34.74
N GLN B 130 3.44 -10.11 -33.82
CA GLN B 130 3.64 -11.55 -33.92
C GLN B 130 2.36 -12.34 -33.68
N ALA B 131 1.42 -11.73 -32.96
CA ALA B 131 0.15 -12.38 -32.69
C ALA B 131 -0.83 -12.01 -33.80
N ASN B 132 -0.26 -11.53 -34.90
CA ASN B 132 -0.98 -11.29 -36.14
C ASN B 132 -2.03 -10.18 -35.99
N LYS B 133 -1.72 -9.20 -35.16
CA LYS B 133 -2.61 -8.08 -34.91
C LYS B 133 -1.77 -6.81 -34.83
N ALA B 134 -2.41 -5.65 -34.99
CA ALA B 134 -1.70 -4.37 -34.83
C ALA B 134 -2.62 -3.31 -34.22
N THR B 135 -2.12 -2.58 -33.24
CA THR B 135 -2.91 -1.49 -32.65
C THR B 135 -2.08 -0.24 -32.36
N LEU B 136 -2.51 0.88 -32.95
CA LEU B 136 -1.94 2.18 -32.71
C LEU B 136 -2.65 2.84 -31.55
N VAL B 137 -1.87 3.37 -30.60
CA VAL B 137 -2.43 3.87 -29.35
C VAL B 137 -2.22 5.37 -29.18
N CYS B 138 -3.30 6.13 -29.25
CA CYS B 138 -3.22 7.58 -29.12
C CYS B 138 -3.78 8.03 -27.78
N LEU B 139 -2.93 8.66 -26.97
CA LEU B 139 -3.33 9.10 -25.63
C LEU B 139 -3.30 10.62 -25.51
N ILE B 140 -4.46 11.19 -25.21
CA ILE B 140 -4.64 12.62 -25.16
C ILE B 140 -4.97 13.02 -23.72
N SER B 141 -4.33 14.07 -23.20
CA SER B 141 -4.55 14.43 -21.80
C SER B 141 -4.33 15.92 -21.49
N ASP B 142 -4.81 16.35 -20.33
CA ASP B 142 -4.59 17.71 -19.83
C ASP B 142 -5.15 18.81 -20.73
N PHE B 143 -6.31 18.57 -21.35
CA PHE B 143 -6.94 19.61 -22.15
C PHE B 143 -8.25 20.11 -21.56
N TYR B 144 -8.57 21.37 -21.83
CA TYR B 144 -9.80 21.99 -21.34
C TYR B 144 -10.26 23.09 -22.30
N PRO B 145 -11.57 23.14 -22.60
CA PRO B 145 -12.64 22.28 -22.10
C PRO B 145 -12.60 20.86 -22.66
N GLY B 146 -13.54 20.02 -22.20
CA GLY B 146 -13.50 18.61 -22.51
C GLY B 146 -14.21 18.25 -23.79
N ALA B 147 -13.67 18.73 -24.90
CA ALA B 147 -14.23 18.44 -26.21
C ALA B 147 -13.09 18.36 -27.21
N VAL B 148 -13.03 17.27 -27.95
CA VAL B 148 -11.89 17.01 -28.81
C VAL B 148 -12.32 16.10 -29.97
N THR B 149 -11.74 16.31 -31.14
CA THR B 149 -12.00 15.41 -32.25
C THR B 149 -10.71 14.72 -32.67
N VAL B 150 -10.74 13.41 -32.81
CA VAL B 150 -9.56 12.67 -33.18
C VAL B 150 -9.75 12.02 -34.55
N ALA B 151 -8.75 12.20 -35.41
CA ALA B 151 -8.78 11.57 -36.73
C ALA B 151 -7.48 10.82 -36.98
N TRP B 152 -7.55 9.75 -37.77
CA TRP B 152 -6.37 8.97 -38.07
C TRP B 152 -6.05 9.07 -39.56
N LYS B 153 -4.78 8.93 -39.91
CA LYS B 153 -4.37 9.03 -41.31
C LYS B 153 -3.38 7.94 -41.71
N ALA B 154 -3.59 7.35 -42.87
CA ALA B 154 -2.63 6.42 -43.46
C ALA B 154 -1.86 7.16 -44.53
N ASP B 155 -0.55 7.24 -44.34
CA ASP B 155 0.28 8.20 -45.07
C ASP B 155 -0.38 9.57 -44.95
N SER B 156 -1.12 10.00 -45.97
CA SER B 156 -1.78 11.31 -45.90
C SER B 156 -3.29 11.24 -46.19
N SER B 157 -3.81 10.04 -46.44
CA SER B 157 -5.25 9.89 -46.66
C SER B 157 -5.96 9.38 -45.41
N PRO B 158 -7.15 9.90 -45.11
CA PRO B 158 -7.91 9.57 -43.89
C PRO B 158 -8.21 8.08 -43.68
N VAL B 159 -8.15 7.64 -42.42
CA VAL B 159 -8.58 6.30 -42.03
C VAL B 159 -9.72 6.40 -41.04
N LYS B 160 -10.81 5.69 -41.31
CA LYS B 160 -11.94 5.67 -40.39
C LYS B 160 -12.28 4.26 -39.91
N ALA B 161 -11.69 3.26 -40.55
CA ALA B 161 -12.04 1.87 -40.26
C ALA B 161 -11.26 1.31 -39.08
N GLY B 162 -11.96 1.04 -37.98
CA GLY B 162 -11.37 0.42 -36.81
C GLY B 162 -10.67 1.40 -35.89
N VAL B 163 -11.36 2.50 -35.56
CA VAL B 163 -10.72 3.63 -34.89
C VAL B 163 -11.03 3.72 -33.39
N GLU B 164 -12.27 3.39 -33.00
CA GLU B 164 -12.69 3.36 -31.58
C GLU B 164 -12.11 4.47 -30.70
N THR B 165 -12.83 5.57 -30.55
CA THR B 165 -12.35 6.68 -29.74
C THR B 165 -13.26 6.90 -28.52
N THR B 166 -12.66 7.24 -27.38
CA THR B 166 -13.42 7.47 -26.16
C THR B 166 -14.00 8.87 -26.12
N THR B 167 -14.96 9.06 -25.22
CA THR B 167 -15.44 10.39 -24.88
C THR B 167 -14.53 10.93 -23.78
N PRO B 168 -14.26 12.24 -23.81
CA PRO B 168 -13.39 12.85 -22.79
C PRO B 168 -13.91 12.60 -21.38
N SER B 169 -12.99 12.37 -20.44
CA SER B 169 -13.36 12.14 -19.06
C SER B 169 -12.58 13.08 -18.15
N LYS B 170 -13.24 13.57 -17.11
CA LYS B 170 -12.64 14.51 -16.18
C LYS B 170 -11.42 13.91 -15.49
N GLN B 171 -10.29 14.59 -15.60
CA GLN B 171 -9.09 14.21 -14.86
C GLN B 171 -9.20 14.73 -13.43
N SER B 172 -8.22 14.36 -12.60
CA SER B 172 -8.18 14.80 -11.22
C SER B 172 -7.79 16.28 -11.08
N ASN B 173 -7.09 16.81 -12.08
CA ASN B 173 -6.67 18.21 -12.05
C ASN B 173 -7.64 19.12 -12.80
N ASN B 174 -8.89 18.70 -12.84
CA ASN B 174 -10.00 19.43 -13.47
C ASN B 174 -9.89 19.56 -14.99
N LYS B 175 -8.92 18.86 -15.59
CA LYS B 175 -8.80 18.85 -17.04
C LYS B 175 -9.37 17.56 -17.58
N TYR B 176 -9.07 17.24 -18.83
CA TYR B 176 -9.69 16.08 -19.45
C TYR B 176 -8.68 15.17 -20.15
N ALA B 177 -9.06 13.90 -20.27
CA ALA B 177 -8.27 12.90 -20.97
C ALA B 177 -9.15 12.14 -21.94
N ALA B 178 -8.51 11.56 -22.95
CA ALA B 178 -9.18 10.73 -23.94
C ALA B 178 -8.17 9.80 -24.58
N SER B 179 -8.66 8.81 -25.33
CA SER B 179 -7.78 7.89 -26.05
C SER B 179 -8.45 7.39 -27.34
N SER B 180 -7.62 7.11 -28.35
CA SER B 180 -8.10 6.59 -29.62
C SER B 180 -7.25 5.39 -30.06
N TYR B 181 -7.87 4.40 -30.69
CA TYR B 181 -7.18 3.16 -31.01
C TYR B 181 -7.34 2.71 -32.46
N LEU B 182 -6.26 2.78 -33.24
CA LEU B 182 -6.37 2.32 -34.62
C LEU B 182 -6.03 0.83 -34.72
N SER B 183 -7.02 0.03 -35.10
CA SER B 183 -6.83 -1.41 -35.25
C SER B 183 -6.43 -1.73 -36.69
N LEU B 184 -5.41 -2.56 -36.84
CA LEU B 184 -4.80 -2.83 -38.13
C LEU B 184 -4.23 -4.23 -38.29
N THR B 185 -3.89 -4.58 -39.53
CA THR B 185 -3.22 -5.83 -39.84
C THR B 185 -1.74 -5.53 -39.99
N PRO B 186 -0.88 -6.50 -39.63
CA PRO B 186 0.56 -6.29 -39.74
C PRO B 186 1.01 -5.86 -41.13
N GLU B 187 0.40 -6.44 -42.16
CA GLU B 187 0.73 -6.12 -43.55
C GLU B 187 0.45 -4.65 -43.81
N GLN B 188 -0.68 -4.17 -43.29
CA GLN B 188 -1.08 -2.77 -43.46
C GLN B 188 -0.08 -1.85 -42.78
N TRP B 189 0.28 -2.20 -41.55
CA TRP B 189 1.25 -1.44 -40.77
C TRP B 189 2.58 -1.34 -41.49
N LYS B 190 3.01 -2.43 -42.11
CA LYS B 190 4.28 -2.44 -42.82
C LYS B 190 4.20 -1.76 -44.19
N SER B 191 3.03 -1.79 -44.82
CA SER B 191 2.88 -1.33 -46.20
C SER B 191 2.98 0.18 -46.33
N HIS B 192 2.81 0.90 -45.22
CA HIS B 192 2.72 2.34 -45.29
C HIS B 192 3.94 3.05 -44.76
N ARG B 193 4.18 4.24 -45.30
CA ARG B 193 5.27 5.09 -44.86
C ARG B 193 5.03 5.48 -43.41
N SER B 194 3.78 5.82 -43.10
CA SER B 194 3.43 6.28 -41.77
C SER B 194 1.95 6.18 -41.45
N TYR B 195 1.65 6.24 -40.16
CA TYR B 195 0.28 6.38 -39.67
C TYR B 195 0.25 7.52 -38.66
N SER B 196 -0.82 8.31 -38.71
CA SER B 196 -0.89 9.51 -37.89
C SER B 196 -2.16 9.59 -37.04
N CYS B 197 -1.98 10.11 -35.83
CA CYS B 197 -3.10 10.49 -34.98
C CYS B 197 -3.12 12.01 -34.89
N GLN B 198 -4.16 12.63 -35.41
CA GLN B 198 -4.28 14.08 -35.26
C GLN B 198 -5.46 14.43 -34.38
N VAL B 199 -5.19 15.33 -33.45
CA VAL B 199 -6.07 15.66 -32.35
C VAL B 199 -6.41 17.14 -32.44
N THR B 200 -7.69 17.44 -32.63
CA THR B 200 -8.13 18.81 -32.78
C THR B 200 -8.90 19.25 -31.54
N HIS B 201 -8.48 20.38 -31.00
CA HIS B 201 -9.03 20.92 -29.76
C HIS B 201 -9.09 22.44 -29.82
N GLU B 202 -10.29 22.94 -30.10
CA GLU B 202 -10.55 24.38 -30.16
C GLU B 202 -9.63 25.14 -31.12
N GLY B 203 -9.76 24.84 -32.41
CA GLY B 203 -9.04 25.59 -33.43
C GLY B 203 -7.61 25.16 -33.66
N SER B 204 -7.02 24.46 -32.69
CA SER B 204 -5.64 23.99 -32.80
C SER B 204 -5.57 22.49 -32.97
N THR B 205 -4.59 22.04 -33.74
CA THR B 205 -4.42 20.62 -34.06
C THR B 205 -3.01 20.13 -33.77
N VAL B 206 -2.91 19.00 -33.08
CA VAL B 206 -1.64 18.33 -32.86
C VAL B 206 -1.61 17.04 -33.66
N GLU B 207 -0.62 16.87 -34.53
CA GLU B 207 -0.53 15.65 -35.31
C GLU B 207 0.73 14.86 -34.95
N LYS B 208 0.53 13.67 -34.39
CA LYS B 208 1.64 12.77 -34.08
C LYS B 208 1.70 11.65 -35.09
N THR B 209 2.90 11.24 -35.47
CA THR B 209 3.05 10.29 -36.56
C THR B 209 4.09 9.21 -36.25
N VAL B 210 3.77 7.96 -36.58
CA VAL B 210 4.72 6.87 -36.42
C VAL B 210 4.96 6.14 -37.74
N ALA B 211 6.14 5.54 -37.86
CA ALA B 211 6.52 4.81 -39.07
C ALA B 211 7.07 3.44 -38.69
N PRO B 212 6.86 2.44 -39.55
CA PRO B 212 7.34 1.08 -39.27
C PRO B 212 8.87 0.98 -39.26
N THR B 213 9.39 0.13 -38.39
CA THR B 213 10.85 -0.06 -38.26
C THR B 213 11.32 -1.26 -39.07
N ALA C 3 8.10 1.17 34.37
CA ALA C 3 8.02 0.13 33.35
C ALA C 3 7.22 -1.07 33.85
N LEU C 4 6.20 -1.45 33.08
CA LEU C 4 5.45 -2.66 33.38
C LEU C 4 6.37 -3.87 33.29
N THR C 5 6.09 -4.91 34.08
CA THR C 5 6.97 -6.07 34.13
C THR C 5 6.40 -7.30 33.41
N GLN C 6 7.15 -7.78 32.42
CA GLN C 6 6.86 -9.04 31.75
C GLN C 6 8.02 -9.98 31.95
N PRO C 7 7.76 -11.30 31.92
CA PRO C 7 8.87 -12.26 31.96
C PRO C 7 9.71 -12.18 30.69
N ALA C 8 10.98 -12.58 30.78
CA ALA C 8 11.87 -12.53 29.63
C ALA C 8 11.42 -13.49 28.52
N SER C 9 11.31 -14.77 28.86
CA SER C 9 10.93 -15.78 27.88
C SER C 9 9.79 -16.66 28.39
N VAL C 10 9.01 -17.19 27.45
CA VAL C 10 7.94 -18.13 27.77
C VAL C 10 7.92 -19.25 26.73
N SER C 11 8.01 -20.50 27.20
CA SER C 11 8.12 -21.65 26.31
C SER C 11 6.90 -22.54 26.36
N GLY C 12 6.57 -23.15 25.22
CA GLY C 12 5.46 -24.09 25.16
C GLY C 12 5.53 -25.04 23.98
N SER C 13 4.93 -26.21 24.13
CA SER C 13 4.87 -27.18 23.05
C SER C 13 3.67 -26.86 22.17
N PRO C 14 3.69 -27.29 20.90
CA PRO C 14 2.56 -27.04 20.00
C PRO C 14 1.24 -27.62 20.54
N GLY C 15 0.13 -26.95 20.25
CA GLY C 15 -1.17 -27.39 20.71
C GLY C 15 -1.49 -26.93 22.12
N GLN C 16 -0.46 -26.64 22.91
CA GLN C 16 -0.65 -26.16 24.27
C GLN C 16 -1.22 -24.75 24.29
N SER C 17 -1.54 -24.28 25.49
CA SER C 17 -1.95 -22.90 25.69
C SER C 17 -1.02 -22.27 26.71
N ILE C 18 -0.44 -21.12 26.36
CA ILE C 18 0.55 -20.48 27.23
C ILE C 18 0.13 -19.05 27.55
N THR C 19 0.62 -18.53 28.68
CA THR C 19 0.16 -17.24 29.19
C THR C 19 1.34 -16.35 29.56
N ILE C 20 1.27 -15.10 29.12
CA ILE C 20 2.29 -14.09 29.40
C ILE C 20 1.72 -13.04 30.35
N SER C 21 2.45 -12.77 31.42
CA SER C 21 2.00 -11.83 32.44
C SER C 21 2.47 -10.42 32.12
N CYS C 22 1.81 -9.44 32.72
CA CYS C 22 2.19 -8.04 32.63
C CYS C 22 1.71 -7.33 33.88
N THR C 23 2.62 -7.13 34.82
CA THR C 23 2.25 -6.62 36.14
C THR C 23 2.71 -5.19 36.37
N GLY C 24 1.75 -4.34 36.77
CA GLY C 24 2.07 -2.97 37.14
C GLY C 24 1.60 -2.65 38.55
N THR C 25 0.90 -1.54 38.70
CA THR C 25 0.40 -1.10 40.00
C THR C 25 -1.11 -0.85 40.00
N LYS C 26 -1.58 -0.16 41.03
CA LYS C 26 -3.00 0.14 41.19
C LYS C 26 -3.42 1.30 40.29
N TYR C 27 -2.48 2.18 40.00
CA TYR C 27 -2.75 3.43 39.30
C TYR C 27 -2.77 3.25 37.79
N ASP C 28 -2.24 2.12 37.33
CA ASP C 28 -2.18 1.83 35.91
C ASP C 28 -3.00 0.60 35.49
N VAL C 29 -2.37 -0.58 35.49
CA VAL C 29 -3.05 -1.79 35.03
C VAL C 29 -4.06 -2.33 36.03
N GLY C 30 -4.04 -1.81 37.25
CA GLY C 30 -4.92 -2.33 38.28
C GLY C 30 -6.34 -1.81 38.28
N SER C 31 -6.50 -0.51 38.09
CA SER C 31 -7.80 0.13 38.26
C SER C 31 -8.36 0.61 36.93
N HIS C 32 -7.72 0.20 35.84
CA HIS C 32 -8.18 0.60 34.52
C HIS C 32 -8.19 -0.60 33.58
N ASP C 33 -9.24 -0.70 32.78
CA ASP C 33 -9.32 -1.75 31.77
C ASP C 33 -8.86 -1.20 30.43
N LEU C 34 -7.60 -0.76 30.41
CA LEU C 34 -7.03 -0.10 29.23
C LEU C 34 -5.67 -0.69 28.91
N VAL C 35 -5.65 -1.96 28.53
CA VAL C 35 -4.41 -2.67 28.25
C VAL C 35 -4.40 -3.25 26.86
N SER C 36 -3.33 -2.97 26.12
CA SER C 36 -3.18 -3.51 24.77
C SER C 36 -1.96 -4.41 24.67
N TRP C 37 -2.03 -5.41 23.80
CA TRP C 37 -0.89 -6.28 23.54
C TRP C 37 -0.49 -6.19 22.07
N TYR C 38 0.81 -6.22 21.83
CA TYR C 38 1.37 -6.12 20.49
C TYR C 38 2.36 -7.25 20.24
N GLN C 39 2.39 -7.71 18.99
CA GLN C 39 3.28 -8.79 18.56
C GLN C 39 4.36 -8.24 17.63
N GLN C 40 5.57 -8.76 17.74
CA GLN C 40 6.66 -8.32 16.90
C GLN C 40 7.57 -9.45 16.44
N TYR C 41 7.54 -9.71 15.14
CA TYR C 41 8.50 -10.62 14.53
C TYR C 41 9.78 -9.82 14.29
N PRO C 42 10.94 -10.44 14.53
CA PRO C 42 12.24 -9.74 14.45
C PRO C 42 12.43 -9.07 13.10
N GLY C 43 12.71 -7.77 13.11
CA GLY C 43 12.91 -7.03 11.88
C GLY C 43 11.63 -6.41 11.36
N LYS C 44 10.53 -6.63 12.07
CA LYS C 44 9.23 -6.12 11.64
C LYS C 44 8.66 -5.08 12.60
N VAL C 45 7.55 -4.47 12.18
CA VAL C 45 6.83 -3.51 12.99
C VAL C 45 5.85 -4.24 13.91
N PRO C 46 5.65 -3.73 15.14
CA PRO C 46 4.69 -4.35 16.06
C PRO C 46 3.28 -4.40 15.50
N LYS C 47 2.53 -5.41 15.92
CA LYS C 47 1.20 -5.67 15.36
C LYS C 47 0.14 -5.61 16.45
N TYR C 48 -0.92 -4.86 16.17
CA TYR C 48 -2.07 -4.74 17.06
C TYR C 48 -2.68 -6.11 17.31
N MET C 49 -2.57 -6.61 18.54
CA MET C 49 -3.09 -7.94 18.85
C MET C 49 -4.26 -7.90 19.81
N ILE C 50 -4.10 -7.18 20.92
CA ILE C 50 -5.18 -7.06 21.91
C ILE C 50 -5.32 -5.59 22.29
N TYR C 51 -6.54 -5.17 22.63
CA TYR C 51 -6.73 -3.84 23.21
C TYR C 51 -7.87 -3.82 24.22
N GLU C 52 -7.82 -2.86 25.14
CA GLU C 52 -8.80 -2.75 26.21
C GLU C 52 -8.95 -4.09 26.92
N VAL C 53 -7.79 -4.72 27.15
CA VAL C 53 -7.65 -5.97 27.90
C VAL C 53 -8.20 -7.20 27.19
N ASN C 54 -9.40 -7.12 26.62
CA ASN C 54 -10.06 -8.32 26.11
C ASN C 54 -10.31 -8.35 24.60
N LYS C 55 -10.42 -7.19 23.98
CA LYS C 55 -10.94 -7.11 22.63
C LYS C 55 -9.92 -7.43 21.55
N ARG C 56 -10.37 -8.14 20.53
CA ARG C 56 -9.55 -8.42 19.36
C ARG C 56 -10.00 -7.59 18.18
N PRO C 57 -9.06 -6.93 17.50
CA PRO C 57 -9.40 -6.29 16.23
C PRO C 57 -9.72 -7.38 15.21
N SER C 58 -10.45 -7.06 14.16
CA SER C 58 -10.79 -8.05 13.15
C SER C 58 -9.52 -8.55 12.47
N GLY C 59 -9.51 -9.82 12.12
CA GLY C 59 -8.35 -10.41 11.47
C GLY C 59 -7.43 -11.10 12.44
N VAL C 60 -7.54 -10.75 13.72
CA VAL C 60 -6.70 -11.34 14.76
C VAL C 60 -7.24 -12.72 15.16
N SER C 61 -6.34 -13.69 15.29
CA SER C 61 -6.72 -15.06 15.63
C SER C 61 -7.46 -15.14 16.97
N ASN C 62 -8.48 -15.98 17.02
CA ASN C 62 -9.27 -16.16 18.24
C ASN C 62 -8.50 -16.98 19.27
N ARG C 63 -7.30 -17.42 18.87
CA ARG C 63 -6.42 -18.19 19.73
C ARG C 63 -5.72 -17.25 20.71
N PHE C 64 -5.86 -15.94 20.46
CA PHE C 64 -5.31 -14.93 21.34
C PHE C 64 -6.44 -14.35 22.19
N SER C 65 -6.19 -14.27 23.49
CA SER C 65 -7.21 -13.77 24.41
C SER C 65 -6.55 -12.99 25.52
N GLY C 66 -7.18 -11.91 25.96
CA GLY C 66 -6.63 -11.12 27.04
C GLY C 66 -7.42 -11.28 28.31
N SER C 67 -6.76 -11.09 29.46
CA SER C 67 -7.45 -11.13 30.74
C SER C 67 -6.76 -10.21 31.72
N LYS C 68 -7.35 -10.08 32.91
CA LYS C 68 -6.86 -9.16 33.92
C LYS C 68 -7.29 -9.57 35.33
N SER C 69 -6.34 -9.52 36.26
CA SER C 69 -6.61 -9.78 37.67
C SER C 69 -5.70 -8.93 38.53
N GLY C 70 -6.31 -8.11 39.37
CA GLY C 70 -5.57 -7.21 40.25
C GLY C 70 -4.70 -6.25 39.48
N ASN C 71 -3.40 -6.33 39.72
CA ASN C 71 -2.43 -5.48 39.03
C ASN C 71 -1.68 -6.24 37.94
N THR C 72 -2.32 -7.26 37.38
CA THR C 72 -1.65 -8.05 36.36
C THR C 72 -2.59 -8.38 35.18
N ALA C 73 -2.16 -8.00 33.99
CA ALA C 73 -2.86 -8.40 32.77
C ALA C 73 -2.20 -9.65 32.24
N SER C 74 -2.92 -10.44 31.46
CA SER C 74 -2.35 -11.66 30.89
C SER C 74 -2.78 -11.89 29.46
N LEU C 75 -1.82 -12.23 28.61
CA LEU C 75 -2.11 -12.62 27.24
C LEU C 75 -2.00 -14.13 27.07
N THR C 76 -3.06 -14.76 26.56
CA THR C 76 -3.11 -16.20 26.45
C THR C 76 -3.25 -16.66 25.00
N ILE C 77 -2.30 -17.50 24.58
CA ILE C 77 -2.33 -18.09 23.25
C ILE C 77 -2.69 -19.57 23.35
N SER C 78 -3.71 -19.98 22.62
CA SER C 78 -4.12 -21.38 22.58
C SER C 78 -3.82 -21.98 21.21
N GLY C 79 -3.60 -23.29 21.16
CA GLY C 79 -3.25 -23.95 19.91
C GLY C 79 -1.92 -23.42 19.41
N LEU C 80 -0.94 -23.43 20.32
CA LEU C 80 0.37 -22.85 20.07
C LEU C 80 1.05 -23.38 18.80
N ARG C 81 1.56 -22.45 17.99
CA ARG C 81 2.24 -22.80 16.75
C ARG C 81 3.61 -22.13 16.67
N ALA C 82 4.41 -22.54 15.68
CA ALA C 82 5.71 -21.93 15.45
C ALA C 82 5.52 -20.49 14.99
N GLU C 83 4.38 -20.24 14.36
CA GLU C 83 4.05 -18.92 13.84
C GLU C 83 3.84 -17.91 14.96
N ASP C 84 3.71 -18.41 16.19
CA ASP C 84 3.47 -17.55 17.34
C ASP C 84 4.79 -17.17 17.99
N GLU C 85 5.89 -17.71 17.50
CA GLU C 85 7.21 -17.31 17.96
C GLU C 85 7.50 -15.86 17.61
N ALA C 86 7.56 -15.01 18.62
CA ALA C 86 7.84 -13.59 18.44
C ALA C 86 8.18 -12.93 19.76
N ASP C 87 8.34 -11.61 19.73
CA ASP C 87 8.42 -10.83 20.96
C ASP C 87 7.07 -10.19 21.24
N TYR C 88 6.60 -10.31 22.47
CA TYR C 88 5.29 -9.77 22.83
C TYR C 88 5.40 -8.65 23.86
N TYR C 89 4.71 -7.54 23.60
CA TYR C 89 4.77 -6.38 24.47
C TYR C 89 3.37 -5.98 24.95
N CYS C 90 3.30 -5.46 26.18
CA CYS C 90 2.05 -4.91 26.69
C CYS C 90 2.19 -3.43 26.97
N CYS C 91 1.11 -2.69 26.72
CA CYS C 91 1.08 -1.25 26.97
C CYS C 91 -0.21 -0.88 27.67
N SER C 92 -0.08 -0.09 28.73
CA SER C 92 -1.23 0.31 29.53
C SER C 92 -1.21 1.81 29.85
N PHE C 93 -2.36 2.34 30.26
CA PHE C 93 -2.42 3.68 30.81
C PHE C 93 -1.46 3.75 31.99
N GLY C 94 -0.67 4.81 32.07
CA GLY C 94 0.40 4.86 33.05
C GLY C 94 0.30 5.95 34.09
N GLY C 95 -0.84 6.65 34.13
CA GLY C 95 -1.01 7.74 35.06
C GLY C 95 -0.68 9.08 34.41
N SER C 96 -1.42 10.12 34.79
CA SER C 96 -1.22 11.47 34.27
C SER C 96 -1.29 11.50 32.75
N ALA C 97 -2.29 10.81 32.19
CA ALA C 97 -2.53 10.76 30.74
C ALA C 97 -1.28 10.30 29.98
N THR C 98 -0.59 9.32 30.53
CA THR C 98 0.57 8.72 29.87
C THR C 98 0.33 7.25 29.53
N VAL C 99 1.20 6.70 28.69
CA VAL C 99 1.20 5.27 28.42
C VAL C 99 2.53 4.69 28.90
N VAL C 100 2.49 3.45 29.38
CA VAL C 100 3.69 2.74 29.79
C VAL C 100 3.73 1.37 29.11
N CYS C 101 4.93 0.90 28.76
CA CYS C 101 5.05 -0.41 28.14
C CYS C 101 6.03 -1.29 28.90
N GLY C 102 5.90 -2.60 28.71
CA GLY C 102 6.75 -3.57 29.38
C GLY C 102 7.98 -3.96 28.58
N GLY C 103 8.88 -4.69 29.23
CA GLY C 103 10.16 -5.05 28.63
C GLY C 103 10.04 -6.10 27.55
N GLY C 104 8.87 -6.74 27.47
CA GLY C 104 8.63 -7.74 26.45
C GLY C 104 8.94 -9.18 26.85
N THR C 105 8.39 -10.11 26.07
CA THR C 105 8.58 -11.54 26.32
C THR C 105 8.72 -12.30 25.00
N LYS C 106 9.80 -13.06 24.87
CA LYS C 106 10.01 -13.90 23.69
C LYS C 106 9.38 -15.27 23.88
N VAL C 107 8.52 -15.65 22.94
CA VAL C 107 7.84 -16.95 23.01
C VAL C 107 8.61 -18.01 22.22
N THR C 108 8.94 -19.10 22.90
CA THR C 108 9.66 -20.22 22.29
C THR C 108 8.73 -21.43 22.14
N VAL C 109 8.71 -22.02 20.95
CA VAL C 109 7.92 -23.22 20.71
C VAL C 109 8.81 -24.45 20.69
N LEU C 110 8.72 -25.25 21.75
CA LEU C 110 9.54 -26.44 21.91
C LEU C 110 9.10 -27.57 20.98
N GLY C 111 9.90 -28.62 20.94
CA GLY C 111 9.63 -29.77 20.10
C GLY C 111 10.15 -29.58 18.69
N GLN C 112 10.71 -28.40 18.42
CA GLN C 112 11.26 -28.12 17.10
C GLN C 112 12.48 -28.99 16.81
N PRO C 113 12.50 -29.60 15.62
CA PRO C 113 13.53 -30.55 15.20
C PRO C 113 14.63 -29.92 14.37
N LYS C 114 15.82 -30.51 14.40
CA LYS C 114 17.00 -29.96 13.75
C LYS C 114 16.88 -29.81 12.24
N GLY C 115 17.38 -28.69 11.73
CA GLY C 115 17.45 -28.45 10.31
C GLY C 115 18.91 -28.27 9.94
N ALA C 116 19.32 -28.87 8.82
CA ALA C 116 20.69 -28.73 8.37
C ALA C 116 20.88 -27.45 7.57
N PRO C 117 22.04 -26.80 7.77
CA PRO C 117 22.30 -25.53 7.10
C PRO C 117 22.57 -25.66 5.61
N SER C 118 22.01 -24.73 4.84
CA SER C 118 22.35 -24.61 3.43
C SER C 118 23.40 -23.52 3.31
N VAL C 119 24.49 -23.83 2.62
CA VAL C 119 25.64 -22.94 2.55
C VAL C 119 25.95 -22.56 1.11
N THR C 120 26.05 -21.25 0.87
CA THR C 120 26.36 -20.74 -0.46
C THR C 120 27.64 -19.93 -0.41
N LEU C 121 28.61 -20.26 -1.27
CA LEU C 121 29.89 -19.57 -1.25
C LEU C 121 30.17 -18.84 -2.55
N PHE C 122 30.21 -17.51 -2.47
CA PHE C 122 30.56 -16.67 -3.61
C PHE C 122 32.01 -16.23 -3.50
N PRO C 123 32.73 -16.29 -4.64
CA PRO C 123 34.10 -15.81 -4.81
C PRO C 123 34.12 -14.31 -5.07
N PRO C 124 35.30 -13.66 -4.95
CA PRO C 124 35.36 -12.23 -5.23
C PRO C 124 34.90 -11.91 -6.66
N SER C 125 34.30 -10.75 -6.86
CA SER C 125 33.88 -10.37 -8.19
C SER C 125 35.06 -9.79 -8.96
N SER C 126 35.04 -9.88 -10.28
CA SER C 126 36.07 -9.27 -11.10
C SER C 126 36.09 -7.76 -10.86
N GLU C 127 34.92 -7.23 -10.52
CA GLU C 127 34.73 -5.81 -10.32
C GLU C 127 35.40 -5.33 -9.04
N GLU C 128 35.26 -6.12 -7.97
CA GLU C 128 35.91 -5.83 -6.71
C GLU C 128 37.41 -6.02 -6.85
N LEU C 129 37.78 -7.06 -7.62
CA LEU C 129 39.17 -7.38 -7.87
C LEU C 129 39.84 -6.20 -8.56
N GLN C 130 39.09 -5.55 -9.45
CA GLN C 130 39.57 -4.36 -10.14
C GLN C 130 39.71 -3.18 -9.18
N ALA C 131 38.94 -3.22 -8.10
CA ALA C 131 39.00 -2.16 -7.10
C ALA C 131 40.02 -2.50 -6.03
N ASN C 132 40.91 -3.44 -6.36
CA ASN C 132 42.06 -3.77 -5.53
C ASN C 132 41.61 -4.39 -4.21
N LYS C 133 40.52 -5.14 -4.25
CA LYS C 133 39.97 -5.75 -3.04
C LYS C 133 39.50 -7.17 -3.33
N ALA C 134 39.35 -7.98 -2.29
CA ALA C 134 38.73 -9.30 -2.47
C ALA C 134 37.93 -9.70 -1.23
N THR C 135 36.70 -10.14 -1.45
CA THR C 135 35.85 -10.60 -0.35
C THR C 135 35.06 -11.85 -0.73
N LEU C 136 35.28 -12.90 0.05
CA LEU C 136 34.57 -14.17 -0.07
C LEU C 136 33.32 -14.17 0.80
N VAL C 137 32.20 -14.60 0.21
CA VAL C 137 30.91 -14.48 0.88
C VAL C 137 30.27 -15.83 1.16
N CYS C 138 30.20 -16.20 2.44
CA CYS C 138 29.61 -17.46 2.85
C CYS C 138 28.26 -17.19 3.50
N LEU C 139 27.21 -17.74 2.91
CA LEU C 139 25.84 -17.50 3.35
C LEU C 139 25.19 -18.78 3.85
N ILE C 140 24.80 -18.77 5.11
CA ILE C 140 24.26 -19.96 5.76
C ILE C 140 22.79 -19.71 6.09
N SER C 141 21.93 -20.67 5.80
CA SER C 141 20.49 -20.46 6.01
C SER C 141 19.73 -21.74 6.29
N ASP C 142 18.51 -21.59 6.80
CA ASP C 142 17.58 -22.71 7.02
C ASP C 142 18.12 -23.76 7.99
N PHE C 143 18.86 -23.34 9.02
CA PHE C 143 19.33 -24.31 10.00
C PHE C 143 18.66 -24.12 11.35
N TYR C 144 18.54 -25.23 12.09
CA TYR C 144 17.97 -25.23 13.43
C TYR C 144 18.59 -26.38 14.19
N PRO C 145 18.97 -26.16 15.47
CA PRO C 145 18.85 -24.90 16.22
C PRO C 145 19.84 -23.83 15.74
N GLY C 146 19.74 -22.65 16.34
CA GLY C 146 20.48 -21.50 15.86
C GLY C 146 21.88 -21.37 16.45
N ALA C 147 22.73 -22.34 16.12
CA ALA C 147 24.10 -22.35 16.58
C ALA C 147 24.98 -22.97 15.51
N VAL C 148 26.05 -22.26 15.14
CA VAL C 148 26.87 -22.65 14.00
C VAL C 148 28.30 -22.20 14.21
N THR C 149 29.25 -23.02 13.75
CA THR C 149 30.65 -22.63 13.79
C THR C 149 31.16 -22.53 12.37
N VAL C 150 31.80 -21.41 12.05
CA VAL C 150 32.31 -21.22 10.69
C VAL C 150 33.81 -21.20 10.73
N ALA C 151 34.43 -21.97 9.84
CA ALA C 151 35.88 -21.95 9.73
C ALA C 151 36.26 -21.74 8.28
N TRP C 152 37.37 -21.06 8.07
CA TRP C 152 37.85 -20.79 6.72
C TRP C 152 39.19 -21.47 6.47
N LYS C 153 39.46 -21.77 5.21
CA LYS C 153 40.69 -22.43 4.83
C LYS C 153 41.32 -21.81 3.60
N ALA C 154 42.63 -21.59 3.65
CA ALA C 154 43.39 -21.21 2.49
C ALA C 154 44.08 -22.47 2.03
N ASP C 155 43.74 -22.93 0.83
CA ASP C 155 44.02 -24.30 0.44
C ASP C 155 43.52 -25.23 1.54
N SER C 156 44.44 -25.68 2.41
CA SER C 156 44.08 -26.57 3.51
C SER C 156 44.50 -26.07 4.88
N SER C 157 45.10 -24.88 4.95
CA SER C 157 45.50 -24.34 6.25
C SER C 157 44.45 -23.36 6.78
N PRO C 158 44.15 -23.46 8.08
CA PRO C 158 43.10 -22.62 8.69
C PRO C 158 43.37 -21.13 8.55
N VAL C 159 42.31 -20.36 8.31
CA VAL C 159 42.40 -18.90 8.29
C VAL C 159 41.48 -18.34 9.36
N LYS C 160 42.02 -17.47 10.20
CA LYS C 160 41.24 -16.79 11.22
C LYS C 160 41.31 -15.28 11.02
N ALA C 161 42.21 -14.86 10.13
CA ALA C 161 42.49 -13.45 9.91
C ALA C 161 41.53 -12.81 8.91
N GLY C 162 40.69 -11.90 9.39
CA GLY C 162 39.80 -11.14 8.52
C GLY C 162 38.53 -11.87 8.17
N VAL C 163 37.85 -12.41 9.18
CA VAL C 163 36.77 -13.38 8.95
C VAL C 163 35.34 -12.82 9.09
N GLU C 164 35.13 -11.93 10.05
CA GLU C 164 33.82 -11.27 10.29
C GLU C 164 32.60 -12.18 10.10
N THR C 165 32.14 -12.81 11.17
CA THR C 165 30.98 -13.69 11.06
C THR C 165 29.82 -13.15 11.91
N THR C 166 28.59 -13.28 11.42
CA THR C 166 27.43 -12.82 12.15
C THR C 166 26.99 -13.87 13.17
N THR C 167 26.16 -13.45 14.12
CA THR C 167 25.48 -14.36 15.00
C THR C 167 24.18 -14.79 14.31
N PRO C 168 23.76 -16.05 14.53
CA PRO C 168 22.52 -16.51 13.89
C PRO C 168 21.34 -15.61 14.24
N SER C 169 20.47 -15.38 13.26
CA SER C 169 19.28 -14.56 13.49
C SER C 169 18.05 -15.32 13.02
N LYS C 170 16.95 -15.17 13.75
CA LYS C 170 15.72 -15.88 13.43
C LYS C 170 15.20 -15.51 12.05
N GLN C 171 15.02 -16.52 11.20
CA GLN C 171 14.38 -16.31 9.90
C GLN C 171 12.86 -16.25 10.05
N SER C 172 12.19 -15.95 8.94
CA SER C 172 10.73 -15.91 8.92
C SER C 172 10.13 -17.31 8.97
N ASN C 173 10.90 -18.31 8.54
CA ASN C 173 10.41 -19.68 8.54
C ASN C 173 10.81 -20.43 9.80
N ASN C 174 10.98 -19.68 10.88
CA ASN C 174 11.31 -20.23 12.20
C ASN C 174 12.68 -20.90 12.27
N LYS C 175 13.45 -20.79 11.19
CA LYS C 175 14.81 -21.32 11.16
C LYS C 175 15.80 -20.17 11.32
N TYR C 176 17.07 -20.43 11.02
CA TYR C 176 18.07 -19.41 11.25
C TYR C 176 18.97 -19.17 10.05
N ALA C 177 19.52 -17.96 10.00
CA ALA C 177 20.46 -17.57 8.96
C ALA C 177 21.67 -16.93 9.62
N ALA C 178 22.79 -16.98 8.91
CA ALA C 178 24.03 -16.36 9.36
C ALA C 178 24.88 -16.11 8.13
N SER C 179 25.93 -15.33 8.27
CA SER C 179 26.85 -15.08 7.18
C SER C 179 28.27 -14.83 7.68
N SER C 180 29.25 -15.23 6.88
CA SER C 180 30.65 -15.02 7.21
C SER C 180 31.37 -14.46 5.99
N TYR C 181 32.35 -13.59 6.22
CA TYR C 181 33.00 -12.86 5.13
C TYR C 181 34.52 -12.93 5.18
N LEU C 182 35.15 -13.62 4.25
CA LEU C 182 36.61 -13.64 4.27
C LEU C 182 37.18 -12.47 3.48
N SER C 183 37.82 -11.53 4.19
CA SER C 183 38.42 -10.38 3.53
C SER C 183 39.89 -10.63 3.23
N LEU C 184 40.28 -10.39 1.99
CA LEU C 184 41.66 -10.62 1.59
C LEU C 184 42.06 -9.75 0.38
N THR C 185 43.34 -9.81 0.06
CA THR C 185 43.93 -9.08 -1.05
C THR C 185 43.95 -9.96 -2.29
N PRO C 186 43.81 -9.35 -3.48
CA PRO C 186 43.75 -10.09 -4.75
C PRO C 186 44.91 -11.08 -4.95
N GLU C 187 46.11 -10.70 -4.54
CA GLU C 187 47.26 -11.56 -4.71
C GLU C 187 47.14 -12.78 -3.82
N GLN C 188 46.51 -12.64 -2.67
CA GLN C 188 46.23 -13.77 -1.79
C GLN C 188 45.24 -14.71 -2.47
N TRP C 189 44.19 -14.12 -3.05
CA TRP C 189 43.17 -14.87 -3.77
C TRP C 189 43.80 -15.70 -4.88
N LYS C 190 44.75 -15.11 -5.60
CA LYS C 190 45.39 -15.81 -6.71
C LYS C 190 46.48 -16.79 -6.27
N SER C 191 47.14 -16.52 -5.15
CA SER C 191 48.31 -17.28 -4.75
C SER C 191 47.95 -18.69 -4.29
N HIS C 192 46.69 -18.90 -3.97
CA HIS C 192 46.27 -20.19 -3.43
C HIS C 192 45.40 -20.95 -4.41
N ARG C 193 45.44 -22.28 -4.31
CA ARG C 193 44.66 -23.16 -5.17
C ARG C 193 43.16 -22.93 -4.98
N SER C 194 42.76 -22.80 -3.73
CA SER C 194 41.36 -22.66 -3.39
C SER C 194 41.18 -22.06 -2.01
N TYR C 195 39.97 -21.58 -1.74
CA TYR C 195 39.60 -21.10 -0.43
C TYR C 195 38.29 -21.77 -0.04
N SER C 196 38.17 -22.18 1.22
CA SER C 196 36.98 -22.91 1.63
C SER C 196 36.29 -22.30 2.82
N CYS C 197 34.97 -22.34 2.78
CA CYS C 197 34.15 -22.02 3.91
C CYS C 197 33.52 -23.33 4.38
N GLN C 198 33.89 -23.78 5.58
CA GLN C 198 33.27 -24.97 6.11
C GLN C 198 32.45 -24.62 7.36
N VAL C 199 31.24 -25.17 7.38
CA VAL C 199 30.21 -24.81 8.33
C VAL C 199 29.82 -26.02 9.16
N THR C 200 29.98 -25.89 10.47
CA THR C 200 29.68 -26.99 11.38
C THR C 200 28.42 -26.68 12.17
N HIS C 201 27.48 -27.63 12.14
CA HIS C 201 26.19 -27.48 12.78
C HIS C 201 25.77 -28.82 13.36
N GLU C 202 25.97 -28.97 14.67
CA GLU C 202 25.62 -30.19 15.39
C GLU C 202 26.22 -31.47 14.81
N GLY C 203 27.54 -31.57 14.88
CA GLY C 203 28.22 -32.79 14.49
C GLY C 203 28.44 -32.96 13.01
N SER C 204 27.69 -32.22 12.21
CA SER C 204 27.78 -32.33 10.75
C SER C 204 28.45 -31.11 10.15
N THR C 205 29.20 -31.32 9.07
CA THR C 205 29.97 -30.26 8.44
C THR C 205 29.70 -30.17 6.94
N VAL C 206 29.39 -28.97 6.46
CA VAL C 206 29.27 -28.71 5.02
C VAL C 206 30.41 -27.79 4.57
N GLU C 207 31.22 -28.25 3.62
CA GLU C 207 32.32 -27.41 3.14
C GLU C 207 32.19 -27.03 1.67
N LYS C 208 32.08 -25.73 1.42
CA LYS C 208 32.07 -25.19 0.07
C LYS C 208 33.43 -24.60 -0.27
N THR C 209 33.85 -24.75 -1.53
CA THR C 209 35.20 -24.37 -1.92
C THR C 209 35.17 -23.61 -3.25
N VAL C 210 35.91 -22.50 -3.32
CA VAL C 210 36.02 -21.72 -4.55
C VAL C 210 37.48 -21.54 -4.97
N ALA C 211 37.69 -21.39 -6.28
CA ALA C 211 39.02 -21.21 -6.82
C ALA C 211 39.04 -20.04 -7.80
N PRO C 212 40.19 -19.35 -7.91
CA PRO C 212 40.28 -18.23 -8.86
C PRO C 212 40.19 -18.72 -10.30
N THR C 213 40.49 -20.00 -10.51
CA THR C 213 40.45 -20.60 -11.84
C THR C 213 39.12 -21.33 -12.08
N GLN D 1 -6.91 2.15 2.78
CA GLN D 1 -5.45 2.07 2.76
C GLN D 1 -4.83 3.12 3.68
N VAL D 2 -4.95 2.92 5.00
CA VAL D 2 -4.28 3.79 5.95
C VAL D 2 -2.79 3.50 5.96
N GLN D 3 -1.98 4.54 5.78
CA GLN D 3 -0.54 4.38 5.61
C GLN D 3 0.27 5.50 6.25
N LEU D 4 1.16 5.13 7.18
CA LEU D 4 2.00 6.13 7.85
C LEU D 4 3.43 6.06 7.35
N VAL D 5 3.89 7.13 6.71
CA VAL D 5 5.23 7.17 6.14
C VAL D 5 6.17 8.09 6.92
N GLN D 6 7.19 7.51 7.55
CA GLN D 6 8.14 8.28 8.35
C GLN D 6 9.34 8.71 7.52
N SER D 7 10.09 9.68 8.01
CA SER D 7 11.29 10.16 7.30
C SER D 7 12.35 9.07 7.31
N GLY D 8 13.43 9.29 6.56
CA GLY D 8 14.46 8.28 6.42
C GLY D 8 15.43 8.24 7.59
N ALA D 9 16.31 7.25 7.58
CA ALA D 9 17.27 7.05 8.66
C ALA D 9 18.22 8.23 8.79
N GLN D 10 18.71 8.46 10.01
CA GLN D 10 19.60 9.58 10.25
C GLN D 10 20.73 9.22 11.21
N MET D 11 21.87 9.86 11.00
CA MET D 11 22.97 9.80 11.95
C MET D 11 23.15 11.19 12.54
N LYS D 12 23.32 11.26 13.85
CA LYS D 12 23.50 12.54 14.52
C LYS D 12 24.67 12.47 15.48
N ASN D 13 25.40 13.58 15.62
CA ASN D 13 26.48 13.63 16.59
C ASN D 13 25.91 13.81 17.99
N PRO D 14 26.63 13.31 19.01
CA PRO D 14 26.16 13.42 20.40
C PRO D 14 25.97 14.86 20.86
N GLY D 15 24.77 15.17 21.35
CA GLY D 15 24.47 16.50 21.83
C GLY D 15 23.68 17.31 20.83
N ALA D 16 23.56 16.80 19.60
CA ALA D 16 22.78 17.47 18.57
C ALA D 16 21.30 17.13 18.74
N SER D 17 20.49 17.56 17.78
CA SER D 17 19.05 17.31 17.86
C SER D 17 18.58 16.60 16.59
N VAL D 18 17.44 15.94 16.69
CA VAL D 18 16.90 15.20 15.55
C VAL D 18 15.41 15.50 15.40
N LYS D 19 14.95 15.63 14.16
CA LYS D 19 13.54 15.85 13.89
C LYS D 19 13.02 14.82 12.91
N VAL D 20 12.08 14.01 13.38
CA VAL D 20 11.50 12.95 12.56
C VAL D 20 10.09 13.32 12.16
N SER D 21 9.76 13.08 10.89
CA SER D 21 8.42 13.36 10.39
C SER D 21 7.61 12.08 10.29
N CYS D 22 6.30 12.24 10.30
CA CYS D 22 5.39 11.14 10.02
C CYS D 22 4.20 11.66 9.24
N ALA D 23 4.01 11.14 8.03
CA ALA D 23 2.90 11.56 7.19
C ALA D 23 1.91 10.42 7.03
N PRO D 24 0.77 10.52 7.76
CA PRO D 24 -0.33 9.57 7.65
C PRO D 24 -1.23 9.90 6.46
N SER D 25 -1.77 8.87 5.81
CA SER D 25 -2.71 9.05 4.72
C SER D 25 -3.76 7.96 4.77
N GLY D 26 -4.91 8.20 4.14
CA GLY D 26 -5.97 7.20 4.11
C GLY D 26 -7.03 7.43 5.16
N TYR D 27 -6.87 8.51 5.94
CA TYR D 27 -7.85 8.89 6.95
C TYR D 27 -7.70 10.38 7.25
N THR D 28 -8.58 10.93 8.08
CA THR D 28 -8.53 12.36 8.38
C THR D 28 -7.52 12.61 9.50
N PHE D 29 -6.45 13.30 9.15
CA PHE D 29 -5.30 13.53 10.04
C PHE D 29 -5.63 14.04 11.44
N THR D 30 -6.64 14.88 11.56
CA THR D 30 -6.94 15.53 12.85
C THR D 30 -7.99 14.79 13.69
N ASP D 31 -8.38 13.60 13.26
CA ASP D 31 -9.40 12.85 13.98
C ASP D 31 -8.83 11.91 15.05
N PHE D 32 -7.55 11.57 14.92
CA PHE D 32 -6.94 10.60 15.82
C PHE D 32 -5.62 11.11 16.43
N TYR D 33 -5.37 10.72 17.67
CA TYR D 33 -4.13 11.06 18.35
C TYR D 33 -2.92 10.45 17.65
N ILE D 34 -1.80 11.15 17.73
CA ILE D 34 -0.55 10.60 17.24
C ILE D 34 0.31 10.24 18.44
N HIS D 35 0.81 9.02 18.49
CA HIS D 35 1.70 8.62 19.58
C HIS D 35 3.11 8.39 19.05
N TRP D 36 4.10 8.62 19.91
CA TRP D 36 5.49 8.41 19.56
C TRP D 36 6.14 7.47 20.56
N LEU D 37 6.78 6.44 20.02
CA LEU D 37 7.48 5.42 20.80
C LEU D 37 8.85 5.17 20.19
N ARG D 38 9.69 4.43 20.90
CA ARG D 38 10.99 4.05 20.36
C ARG D 38 11.45 2.69 20.87
N GLN D 39 12.26 2.03 20.07
CA GLN D 39 12.82 0.72 20.38
C GLN D 39 14.32 0.70 20.17
N ALA D 40 15.09 0.59 21.25
CA ALA D 40 16.54 0.47 21.13
C ALA D 40 16.86 -0.94 20.67
N PRO D 41 17.75 -1.05 19.66
CA PRO D 41 18.09 -2.34 19.04
C PRO D 41 18.39 -3.44 20.05
N GLY D 42 17.69 -4.56 19.92
CA GLY D 42 17.87 -5.66 20.85
C GLY D 42 16.91 -5.56 22.04
N GLN D 43 16.55 -4.33 22.38
CA GLN D 43 15.72 -4.05 23.56
C GLN D 43 14.25 -3.91 23.16
N GLY D 44 13.48 -3.18 23.96
CA GLY D 44 12.04 -3.13 23.73
C GLY D 44 11.37 -1.76 23.66
N LEU D 45 10.04 -1.80 23.67
CA LEU D 45 9.21 -0.61 23.49
C LEU D 45 9.37 0.45 24.58
N GLN D 46 9.38 1.70 24.14
CA GLN D 46 9.43 2.83 25.06
C GLN D 46 8.51 3.94 24.57
N TRP D 47 7.41 4.18 25.28
CA TRP D 47 6.45 5.21 24.89
C TRP D 47 7.01 6.59 25.18
N MET D 48 6.97 7.49 24.20
CA MET D 48 7.53 8.82 24.37
C MET D 48 6.44 9.84 24.61
N GLY D 49 5.41 9.87 23.77
CA GLY D 49 4.39 10.90 23.95
C GLY D 49 3.17 10.83 23.07
N TRP D 50 2.21 11.74 23.30
CA TRP D 50 1.08 11.87 22.38
C TRP D 50 0.83 13.33 22.00
N MET D 51 0.16 13.49 20.88
CA MET D 51 -0.15 14.81 20.33
C MET D 51 -1.51 14.79 19.65
N ASN D 52 -2.28 15.85 19.91
CA ASN D 52 -3.55 16.10 19.26
C ASN D 52 -3.33 16.93 18.00
N PRO D 53 -3.50 16.30 16.83
CA PRO D 53 -3.23 16.97 15.55
C PRO D 53 -4.11 18.20 15.32
N GLN D 54 -5.31 18.20 15.89
CA GLN D 54 -6.23 19.32 15.73
C GLN D 54 -5.84 20.53 16.58
N THR D 55 -5.60 20.30 17.86
CA THR D 55 -5.33 21.39 18.78
C THR D 55 -3.84 21.67 18.90
N GLY D 56 -3.03 20.64 18.71
CA GLY D 56 -1.59 20.78 18.78
C GLY D 56 -1.07 20.47 20.16
N ARG D 57 -1.99 20.26 21.11
CA ARG D 57 -1.60 20.01 22.48
C ARG D 57 -0.87 18.67 22.56
N THR D 58 0.20 18.64 23.34
CA THR D 58 1.01 17.44 23.46
C THR D 58 1.24 17.10 24.92
N ASN D 59 1.39 15.82 25.21
CA ASN D 59 1.89 15.42 26.50
C ASN D 59 3.01 14.41 26.31
N THR D 60 4.09 14.60 27.07
CA THR D 60 5.22 13.69 26.98
C THR D 60 5.27 12.88 28.24
N ALA D 61 5.97 11.76 28.20
CA ALA D 61 6.22 10.98 29.39
C ALA D 61 7.39 11.61 30.13
N ARG D 62 7.64 11.18 31.36
CA ARG D 62 8.77 11.71 32.10
C ARG D 62 10.03 11.19 31.39
N ASN D 63 11.19 11.67 31.82
CA ASN D 63 12.48 11.32 31.20
C ASN D 63 12.64 11.93 29.81
N PHE D 64 11.55 12.45 29.26
CA PHE D 64 11.55 13.08 27.95
C PHE D 64 10.97 14.48 28.04
N GLN D 65 10.66 14.91 29.26
CA GLN D 65 9.81 16.08 29.46
C GLN D 65 10.42 17.38 28.95
N GLY D 66 11.75 17.48 28.98
CA GLY D 66 12.42 18.65 28.48
C GLY D 66 13.01 18.53 27.08
N ARG D 67 13.27 17.30 26.65
CA ARG D 67 14.05 17.08 25.44
C ARG D 67 13.19 16.91 24.19
N VAL D 68 11.91 16.62 24.38
CA VAL D 68 11.04 16.29 23.26
C VAL D 68 10.11 17.46 22.94
N THR D 69 9.88 17.68 21.64
CA THR D 69 8.92 18.66 21.17
C THR D 69 8.15 18.08 20.00
N MET D 70 6.86 17.90 20.19
CA MET D 70 6.01 17.33 19.14
C MET D 70 5.20 18.43 18.48
N THR D 71 5.23 18.49 17.16
CA THR D 71 4.49 19.52 16.43
C THR D 71 3.70 18.91 15.29
N ARG D 72 2.95 19.74 14.58
CA ARG D 72 2.21 19.27 13.41
C ARG D 72 2.07 20.36 12.37
N ASP D 73 1.95 19.94 11.12
CA ASP D 73 1.64 20.83 10.02
C ASP D 73 0.36 20.29 9.40
N THR D 74 -0.75 20.92 9.76
CA THR D 74 -2.08 20.47 9.39
C THR D 74 -2.34 20.66 7.89
N SER D 75 -1.60 21.57 7.28
CA SER D 75 -1.79 21.92 5.88
C SER D 75 -1.33 20.78 4.96
N ILE D 76 -0.36 20.02 5.43
CA ILE D 76 0.17 18.89 4.67
C ILE D 76 -0.10 17.58 5.39
N GLY D 77 -0.59 17.68 6.61
CA GLY D 77 -0.92 16.50 7.40
C GLY D 77 0.34 15.77 7.79
N THR D 78 1.25 16.48 8.46
CA THR D 78 2.52 15.88 8.84
C THR D 78 2.88 16.13 10.29
N ALA D 79 3.13 15.06 11.03
CA ALA D 79 3.52 15.16 12.42
C ALA D 79 5.04 15.23 12.56
N TYR D 80 5.51 15.86 13.63
CA TYR D 80 6.94 15.98 13.86
C TYR D 80 7.30 15.68 15.30
N MET D 81 8.39 14.95 15.49
CA MET D 81 8.96 14.69 16.81
C MET D 81 10.38 15.20 16.82
N GLU D 82 10.72 16.09 17.75
CA GLU D 82 12.09 16.55 17.83
C GLU D 82 12.70 16.21 19.19
N LEU D 83 13.83 15.53 19.17
CA LEU D 83 14.51 15.12 20.38
C LEU D 83 15.86 15.81 20.47
N ARG D 84 16.19 16.33 21.65
CA ARG D 84 17.39 17.14 21.84
C ARG D 84 18.34 16.51 22.84
N SER D 85 19.55 17.06 22.93
CA SER D 85 20.60 16.56 23.81
C SER D 85 20.78 15.06 23.60
N LEU D 86 21.08 14.68 22.37
CA LEU D 86 21.15 13.27 21.99
C LEU D 86 22.41 12.59 22.53
N THR D 87 22.25 11.32 22.92
CA THR D 87 23.37 10.48 23.33
C THR D 87 23.23 9.08 22.73
N SER D 88 24.09 8.16 23.14
CA SER D 88 24.06 6.79 22.61
C SER D 88 22.83 6.01 23.07
N ASP D 89 22.17 6.52 24.12
CA ASP D 89 20.99 5.89 24.67
C ASP D 89 19.75 6.25 23.86
N ASP D 90 19.89 7.26 23.01
CA ASP D 90 18.80 7.71 22.17
C ASP D 90 18.84 6.98 20.83
N THR D 91 19.90 6.22 20.60
CA THR D 91 20.02 5.38 19.39
C THR D 91 18.96 4.30 19.41
N ALA D 92 17.99 4.42 18.50
CA ALA D 92 16.84 3.51 18.47
C ALA D 92 16.05 3.70 17.18
N ILE D 93 15.10 2.79 16.96
CA ILE D 93 14.11 2.97 15.91
C ILE D 93 12.92 3.71 16.48
N TYR D 94 12.48 4.75 15.80
CA TYR D 94 11.42 5.57 16.34
C TYR D 94 10.16 5.35 15.51
N TYR D 95 9.07 5.05 16.21
CA TYR D 95 7.79 4.82 15.59
C TYR D 95 6.82 5.93 15.94
N CYS D 96 6.01 6.33 14.97
CA CYS D 96 4.83 7.11 15.27
C CYS D 96 3.63 6.25 14.88
N THR D 97 2.60 6.28 15.71
CA THR D 97 1.40 5.48 15.48
C THR D 97 0.17 6.33 15.63
N THR D 98 -0.97 5.77 15.27
CA THR D 98 -2.25 6.42 15.49
C THR D 98 -2.77 5.97 16.86
N GLY D 99 -3.36 6.90 17.59
CA GLY D 99 -3.91 6.57 18.89
C GLY D 99 -5.42 6.39 18.80
N GLY D 100 -6.13 6.87 19.80
CA GLY D 100 -7.58 6.77 19.81
C GLY D 100 -8.24 7.84 18.96
N TRP D 101 -9.56 7.77 18.86
CA TRP D 101 -10.34 8.80 18.19
C TRP D 101 -10.58 10.01 19.09
N ILE D 102 -10.43 11.20 18.52
CA ILE D 102 -10.56 12.44 19.28
C ILE D 102 -12.02 12.85 19.45
N SER D 103 -12.43 12.99 20.71
CA SER D 103 -13.80 13.39 21.02
C SER D 103 -13.77 14.56 21.98
N LEU D 104 -14.73 15.46 21.83
CA LEU D 104 -14.85 16.63 22.70
C LEU D 104 -15.25 16.20 24.12
N TYR D 105 -16.10 15.18 24.19
CA TYR D 105 -16.44 14.53 25.45
C TYR D 105 -15.60 13.26 25.63
N TYR D 106 -15.10 13.05 26.86
CA TYR D 106 -14.31 11.86 27.22
C TYR D 106 -12.94 11.88 26.53
N ASP D 107 -11.90 11.71 27.34
CA ASP D 107 -10.53 11.78 26.84
C ASP D 107 -9.99 10.41 26.44
N SER D 108 -9.46 10.33 25.21
CA SER D 108 -8.92 9.10 24.69
C SER D 108 -7.43 9.25 24.35
N SER D 109 -6.83 10.33 24.85
CA SER D 109 -5.43 10.63 24.59
C SER D 109 -4.51 9.55 25.14
N TYR D 110 -4.94 8.92 26.22
CA TYR D 110 -4.10 7.96 26.95
C TYR D 110 -4.50 6.53 26.66
N TYR D 111 -5.35 6.33 25.65
CA TYR D 111 -5.70 4.99 25.22
C TYR D 111 -4.56 4.39 24.39
N PRO D 112 -3.95 3.31 24.90
CA PRO D 112 -2.83 2.64 24.21
C PRO D 112 -3.30 1.82 23.01
N ASN D 113 -4.08 2.42 22.12
CA ASN D 113 -4.67 1.70 21.01
C ASN D 113 -4.05 2.04 19.66
N PHE D 114 -2.91 1.42 19.39
CA PHE D 114 -2.14 1.71 18.17
C PHE D 114 -2.41 0.69 17.08
N ASP D 115 -3.39 0.97 16.21
CA ASP D 115 -3.76 0.04 15.15
C ASP D 115 -2.82 0.17 13.97
N HIS D 116 -2.39 1.40 13.70
CA HIS D 116 -1.55 1.65 12.55
C HIS D 116 -0.20 2.23 12.96
N TRP D 117 0.86 1.66 12.40
CA TRP D 117 2.23 2.02 12.75
C TRP D 117 2.99 2.55 11.56
N GLY D 118 4.00 3.38 11.82
CA GLY D 118 4.91 3.81 10.78
C GLY D 118 5.91 2.70 10.55
N GLN D 119 6.69 2.81 9.49
CA GLN D 119 7.65 1.77 9.14
C GLN D 119 8.87 1.83 10.07
N GLY D 120 9.08 2.98 10.69
CA GLY D 120 10.19 3.15 11.62
C GLY D 120 11.23 4.12 11.10
N THR D 121 11.95 4.78 12.01
CA THR D 121 13.09 5.60 11.62
C THR D 121 14.27 5.34 12.56
N LEU D 122 15.35 4.78 12.02
CA LEU D 122 16.50 4.44 12.87
C LEU D 122 17.39 5.65 13.07
N LEU D 123 17.56 6.03 14.34
CA LEU D 123 18.45 7.11 14.72
C LEU D 123 19.73 6.53 15.34
N THR D 124 20.87 6.96 14.83
CA THR D 124 22.16 6.57 15.39
C THR D 124 22.94 7.78 15.88
N VAL D 125 23.30 7.78 17.15
CA VAL D 125 24.10 8.87 17.72
C VAL D 125 25.55 8.42 17.87
N SER D 126 26.43 9.06 17.12
CA SER D 126 27.82 8.63 17.04
C SER D 126 28.73 9.74 16.52
N GLY D 127 29.99 9.71 16.95
CA GLY D 127 30.99 10.68 16.53
C GLY D 127 31.68 10.23 15.26
N ALA D 128 31.38 9.00 14.85
CA ALA D 128 31.97 8.40 13.66
C ALA D 128 31.59 9.15 12.40
N SER D 129 32.25 8.76 11.30
CA SER D 129 31.96 9.32 9.99
C SER D 129 30.88 8.45 9.35
N THR D 130 30.07 9.04 8.48
CA THR D 130 28.94 8.32 7.93
C THR D 130 29.43 7.12 7.12
N LYS D 131 29.86 7.34 5.88
CA LYS D 131 30.37 6.27 5.03
C LYS D 131 29.29 5.54 4.21
N GLY D 132 29.36 5.68 2.90
CA GLY D 132 28.43 5.01 1.99
C GLY D 132 28.92 3.64 1.60
N PRO D 133 28.01 2.80 1.09
CA PRO D 133 28.32 1.41 0.76
C PRO D 133 28.92 1.25 -0.63
N SER D 134 29.74 0.23 -0.83
CA SER D 134 30.14 -0.21 -2.16
C SER D 134 29.33 -1.43 -2.54
N VAL D 135 28.86 -1.51 -3.77
CA VAL D 135 28.01 -2.64 -4.15
C VAL D 135 28.66 -3.48 -5.24
N PHE D 136 28.72 -4.78 -5.01
CA PHE D 136 29.32 -5.70 -5.97
C PHE D 136 28.36 -6.84 -6.32
N PRO D 137 28.42 -7.30 -7.58
CA PRO D 137 27.52 -8.39 -8.01
C PRO D 137 28.05 -9.78 -7.66
N LEU D 138 27.17 -10.63 -7.13
CA LEU D 138 27.50 -12.02 -6.87
C LEU D 138 26.93 -12.87 -7.99
N ALA D 139 27.79 -13.24 -8.92
CA ALA D 139 27.38 -13.94 -10.14
C ALA D 139 26.66 -15.25 -9.81
N PRO D 140 25.70 -15.63 -10.67
CA PRO D 140 24.85 -16.81 -10.47
C PRO D 140 25.62 -18.10 -10.14
N SER D 141 25.14 -18.81 -9.12
CA SER D 141 25.68 -20.10 -8.74
C SER D 141 24.55 -21.11 -8.59
N SER D 142 24.63 -22.20 -9.32
CA SER D 142 23.58 -23.21 -9.30
C SER D 142 23.87 -24.29 -8.27
N LYS D 143 25.11 -24.32 -7.79
CA LYS D 143 25.62 -25.36 -6.89
C LYS D 143 24.69 -25.73 -5.73
N SER D 144 24.18 -24.73 -5.02
CA SER D 144 23.48 -24.99 -3.76
C SER D 144 21.98 -24.70 -3.77
N THR D 145 21.41 -24.54 -4.95
CA THR D 145 19.96 -24.30 -5.05
C THR D 145 19.27 -25.56 -5.55
N SER D 146 17.93 -25.51 -5.61
CA SER D 146 17.15 -26.68 -6.00
C SER D 146 17.11 -26.76 -7.53
N GLY D 147 16.22 -27.61 -8.03
CA GLY D 147 15.85 -27.72 -9.44
C GLY D 147 16.53 -26.91 -10.54
N GLY D 148 15.71 -26.34 -11.42
CA GLY D 148 16.22 -25.54 -12.52
C GLY D 148 16.53 -24.11 -12.09
N THR D 149 17.20 -23.96 -10.96
CA THR D 149 17.41 -22.64 -10.39
C THR D 149 18.87 -22.36 -10.06
N ALA D 150 19.16 -21.08 -9.82
CA ALA D 150 20.47 -20.60 -9.45
C ALA D 150 20.32 -19.46 -8.46
N ALA D 151 21.39 -19.18 -7.71
CA ALA D 151 21.41 -18.07 -6.77
C ALA D 151 22.37 -17.00 -7.25
N LEU D 152 21.89 -15.77 -7.33
CA LEU D 152 22.77 -14.65 -7.59
C LEU D 152 22.52 -13.61 -6.52
N GLY D 153 23.31 -12.55 -6.47
CA GLY D 153 23.08 -11.59 -5.41
C GLY D 153 23.88 -10.30 -5.46
N CYS D 154 23.90 -9.61 -4.32
CA CYS D 154 24.65 -8.38 -4.17
C CYS D 154 25.38 -8.37 -2.85
N LEU D 155 26.58 -7.81 -2.86
CA LEU D 155 27.38 -7.61 -1.66
C LEU D 155 27.46 -6.12 -1.41
N VAL D 156 26.90 -5.70 -0.28
CA VAL D 156 26.90 -4.31 0.12
C VAL D 156 27.92 -4.09 1.24
N LYS D 157 29.05 -3.51 0.87
CA LYS D 157 30.26 -3.53 1.68
C LYS D 157 30.60 -2.17 2.31
N ASP D 158 30.95 -2.20 3.60
CA ASP D 158 31.57 -1.08 4.28
C ASP D 158 30.75 0.21 4.25
N TYR D 159 29.63 0.21 4.98
CA TYR D 159 28.81 1.41 5.10
C TYR D 159 28.57 1.70 6.58
N PHE D 160 28.01 2.87 6.86
CA PHE D 160 27.66 3.26 8.21
C PHE D 160 26.78 4.52 8.17
N PRO D 161 25.79 4.61 9.06
CA PRO D 161 25.38 3.54 9.97
C PRO D 161 24.32 2.67 9.33
N GLU D 162 23.73 1.79 10.14
CA GLU D 162 22.57 1.04 9.73
C GLU D 162 21.46 2.04 9.40
N PRO D 163 20.54 1.70 8.47
CA PRO D 163 20.45 0.50 7.66
C PRO D 163 20.58 0.77 6.16
N VAL D 164 20.69 -0.30 5.38
CA VAL D 164 20.48 -0.20 3.94
C VAL D 164 19.30 -1.09 3.59
N THR D 165 18.59 -0.73 2.52
CA THR D 165 17.52 -1.58 2.03
C THR D 165 17.87 -2.07 0.64
N VAL D 166 17.50 -3.32 0.34
CA VAL D 166 17.74 -3.88 -0.98
C VAL D 166 16.42 -4.36 -1.57
N SER D 167 16.18 -4.00 -2.83
CA SER D 167 15.09 -4.60 -3.58
C SER D 167 15.67 -5.19 -4.85
N TRP D 168 14.83 -5.78 -5.69
CA TRP D 168 15.31 -6.34 -6.94
C TRP D 168 14.40 -5.97 -8.09
N ASN D 169 15.01 -5.50 -9.18
CA ASN D 169 14.29 -5.04 -10.36
C ASN D 169 13.22 -4.02 -9.99
N SER D 170 13.61 -3.04 -9.19
CA SER D 170 12.76 -1.92 -8.80
C SER D 170 11.51 -2.35 -8.03
N GLY D 171 11.65 -3.43 -7.26
CA GLY D 171 10.57 -3.91 -6.42
C GLY D 171 9.70 -4.94 -7.12
N ALA D 172 9.92 -5.12 -8.41
CA ALA D 172 9.14 -6.06 -9.20
C ALA D 172 9.47 -7.50 -8.83
N LEU D 173 10.71 -7.73 -8.42
CA LEU D 173 11.14 -9.07 -8.01
C LEU D 173 11.21 -9.14 -6.49
N THR D 174 10.23 -9.82 -5.90
CA THR D 174 10.14 -9.95 -4.45
C THR D 174 10.10 -11.42 -4.04
N SER D 175 9.67 -12.27 -4.96
CA SER D 175 9.56 -13.70 -4.68
C SER D 175 10.94 -14.34 -4.69
N GLY D 176 11.29 -15.01 -3.59
CA GLY D 176 12.55 -15.71 -3.49
C GLY D 176 13.72 -14.83 -3.14
N VAL D 177 13.44 -13.67 -2.54
CA VAL D 177 14.48 -12.75 -2.14
C VAL D 177 14.85 -12.96 -0.67
N HIS D 178 16.13 -13.16 -0.39
CA HIS D 178 16.60 -13.28 0.98
C HIS D 178 17.75 -12.31 1.22
N THR D 179 17.44 -11.22 1.92
CA THR D 179 18.44 -10.23 2.30
C THR D 179 18.92 -10.52 3.71
N PHE D 180 20.20 -10.84 3.85
CA PHE D 180 20.76 -11.25 5.13
C PHE D 180 20.98 -10.08 6.07
N PRO D 181 20.91 -10.35 7.39
CA PRO D 181 21.29 -9.35 8.38
C PRO D 181 22.74 -8.94 8.22
N ALA D 182 23.06 -7.67 8.42
CA ALA D 182 24.39 -7.17 8.18
C ALA D 182 25.34 -7.56 9.31
N VAL D 183 26.62 -7.72 8.98
CA VAL D 183 27.62 -7.95 10.01
C VAL D 183 28.28 -6.63 10.40
N LEU D 184 28.50 -6.46 11.70
CA LEU D 184 29.30 -5.34 12.18
C LEU D 184 30.75 -5.79 12.22
N GLN D 185 31.56 -5.25 11.31
CA GLN D 185 32.95 -5.67 11.21
C GLN D 185 33.79 -5.03 12.32
N SER D 186 35.01 -5.53 12.49
CA SER D 186 35.93 -5.01 13.49
C SER D 186 36.41 -3.62 13.09
N SER D 187 36.19 -3.27 11.82
CA SER D 187 36.50 -1.93 11.34
C SER D 187 35.50 -0.92 11.89
N GLY D 188 34.34 -1.41 12.32
CA GLY D 188 33.30 -0.57 12.86
C GLY D 188 32.24 -0.33 11.80
N LEU D 189 32.46 -0.92 10.63
CA LEU D 189 31.59 -0.71 9.48
C LEU D 189 30.72 -1.94 9.22
N TYR D 190 29.58 -1.72 8.57
CA TYR D 190 28.62 -2.79 8.32
C TYR D 190 28.74 -3.30 6.90
N SER D 191 28.38 -4.56 6.70
CA SER D 191 28.32 -5.16 5.38
C SER D 191 27.19 -6.18 5.33
N LEU D 192 26.45 -6.23 4.23
CA LEU D 192 25.48 -7.31 4.05
C LEU D 192 25.46 -7.86 2.63
N SER D 193 24.74 -8.96 2.46
CA SER D 193 24.50 -9.53 1.14
C SER D 193 23.01 -9.78 0.97
N SER D 194 22.53 -9.65 -0.27
CA SER D 194 21.15 -9.99 -0.58
C SER D 194 21.12 -10.94 -1.75
N VAL D 195 20.41 -12.05 -1.62
CA VAL D 195 20.45 -13.10 -2.62
C VAL D 195 19.08 -13.46 -3.17
N VAL D 196 19.02 -13.65 -4.50
CA VAL D 196 17.80 -14.10 -5.14
C VAL D 196 18.01 -15.44 -5.84
N THR D 197 17.06 -16.33 -5.60
CA THR D 197 16.98 -17.60 -6.29
C THR D 197 16.05 -17.45 -7.49
N VAL D 198 16.62 -17.62 -8.69
CA VAL D 198 15.89 -17.44 -9.93
C VAL D 198 16.00 -18.69 -10.77
N PRO D 199 15.14 -18.87 -11.78
CA PRO D 199 15.35 -20.04 -12.64
C PRO D 199 16.62 -19.92 -13.49
N SER D 200 17.29 -21.04 -13.72
CA SER D 200 18.52 -21.07 -14.50
C SER D 200 18.26 -20.81 -15.98
N SER D 201 17.11 -21.29 -16.45
CA SER D 201 16.74 -21.17 -17.86
C SER D 201 16.57 -19.71 -18.26
N SER D 202 16.25 -18.86 -17.28
CA SER D 202 15.99 -17.45 -17.55
C SER D 202 17.25 -16.59 -17.49
N LEU D 203 18.36 -17.17 -17.04
CA LEU D 203 19.62 -16.45 -17.03
C LEU D 203 20.05 -16.15 -18.47
N GLY D 204 20.77 -15.06 -18.68
CA GLY D 204 21.18 -14.70 -20.03
C GLY D 204 20.11 -13.95 -20.79
N THR D 205 18.85 -14.32 -20.56
CA THR D 205 17.74 -13.64 -21.21
C THR D 205 16.98 -12.69 -20.28
N GLN D 206 16.85 -13.06 -19.01
CA GLN D 206 16.23 -12.16 -18.03
C GLN D 206 17.30 -11.34 -17.35
N THR D 207 16.96 -10.10 -16.98
CA THR D 207 17.91 -9.18 -16.39
C THR D 207 17.65 -9.02 -14.90
N TYR D 208 18.70 -9.12 -14.09
CA TYR D 208 18.56 -9.01 -12.64
C TYR D 208 19.41 -7.89 -12.06
N ILE D 209 18.71 -6.91 -11.49
CA ILE D 209 19.33 -5.73 -10.93
C ILE D 209 18.92 -5.54 -9.48
N CYS D 210 19.89 -5.34 -8.59
CA CYS D 210 19.59 -5.09 -7.19
C CYS D 210 19.62 -3.60 -6.90
N ASN D 211 18.57 -3.12 -6.23
CA ASN D 211 18.45 -1.72 -5.88
C ASN D 211 18.79 -1.49 -4.42
N VAL D 212 19.96 -0.90 -4.19
CA VAL D 212 20.49 -0.63 -2.85
C VAL D 212 20.28 0.82 -2.45
N ASN D 213 19.60 1.03 -1.32
CA ASN D 213 19.35 2.37 -0.78
C ASN D 213 19.97 2.54 0.61
N HIS D 214 20.87 3.51 0.74
CA HIS D 214 21.49 3.83 2.03
C HIS D 214 21.20 5.28 2.40
N LYS D 215 20.09 5.48 3.11
CA LYS D 215 19.57 6.81 3.41
C LYS D 215 20.44 7.69 4.30
N PRO D 216 21.13 7.12 5.32
CA PRO D 216 22.00 7.99 6.11
C PRO D 216 23.04 8.74 5.29
N SER D 217 23.53 8.15 4.21
CA SER D 217 24.52 8.80 3.37
C SER D 217 23.94 9.26 2.05
N ASN D 218 22.62 9.08 1.87
CA ASN D 218 21.95 9.49 0.64
C ASN D 218 22.57 8.84 -0.59
N THR D 219 22.73 7.52 -0.58
CA THR D 219 23.30 6.81 -1.70
C THR D 219 22.36 5.74 -2.24
N LYS D 220 22.11 5.79 -3.54
CA LYS D 220 21.39 4.74 -4.25
C LYS D 220 22.29 4.11 -5.30
N VAL D 221 22.29 2.78 -5.35
CA VAL D 221 23.09 2.05 -6.32
C VAL D 221 22.21 0.99 -6.98
N ASP D 222 22.22 0.94 -8.31
CA ASP D 222 21.47 -0.09 -9.01
C ASP D 222 22.45 -1.03 -9.70
N LYS D 223 22.71 -2.16 -9.07
CA LYS D 223 23.76 -3.06 -9.54
C LYS D 223 23.23 -4.17 -10.42
N ARG D 224 23.75 -4.22 -11.64
CA ARG D 224 23.39 -5.28 -12.56
C ARG D 224 24.20 -6.52 -12.26
N VAL D 225 23.51 -7.65 -12.17
CA VAL D 225 24.16 -8.93 -11.89
C VAL D 225 23.94 -9.87 -13.06
N GLU D 226 25.02 -10.23 -13.72
CA GLU D 226 24.93 -11.14 -14.85
C GLU D 226 26.00 -12.23 -14.75
N PRO D 227 25.75 -13.40 -15.36
CA PRO D 227 26.72 -14.50 -15.31
C PRO D 227 28.03 -14.08 -15.96
N LYS D 228 29.11 -14.82 -15.73
CA LYS D 228 30.38 -14.44 -16.30
C LYS D 228 30.70 -15.21 -17.58
N SER D 229 31.96 -15.14 -18.00
CA SER D 229 32.38 -15.67 -19.29
C SER D 229 32.71 -17.16 -19.22
N CYS D 230 33.84 -17.52 -19.82
CA CYS D 230 34.29 -18.91 -19.82
C CYS D 230 35.05 -19.26 -18.54
#